data_8F6V
#
_entry.id   8F6V
#
_cell.length_a   98.995
_cell.length_b   98.995
_cell.length_c   196.987
_cell.angle_alpha   90.000
_cell.angle_beta   90.000
_cell.angle_gamma   120.000
#
_symmetry.space_group_name_H-M   'P 61'
#
loop_
_entity.id
_entity.type
_entity.pdbx_description
1 polymer 'Nanobody VHH108'
2 polymer 'CFTR inhibitory factor'
3 water water
#
loop_
_entity_poly.entity_id
_entity_poly.type
_entity_poly.pdbx_seq_one_letter_code
_entity_poly.pdbx_strand_id
1 'polypeptide(L)'
;MAEVQLVESGGGLVQPGGSLRLSCEATGNFDDRGIGWFRQAPGKEREGIACITTRGRTHYAESVEGRFTISTDIANNAVY
LQMNSLKPEDTAVYYCAKAIRLTTDRTQCVAFPGVSWGRGTQVTVSSGQAGQ
;
A,B
2 'polypeptide(L)'
;AEEFPVPNGFESAYREVDGVKLHYVKGGQGPLVMLVHGFGQTWYEWHQLMPELAKRFTVIAPDLPGLGQSEPPKTGYSGE
QVAVYLHKLARQFSPDRPFDLVAHDIGIWNTYPMVVKNQADIARLVYMEAPIPDARIYRFPAFTAQGESLVWHFSFFAAD
DRLAETLIAGKERFFLEHFIKSHASNTEVFSERLLDLYARSYAKPHSLNASFEYYRALNESVRQNAELAKTRLQMPTMTL
AGGGHGGMGTFQLEQMKAYAEDVEGHVLPGCGHWLPEECAAPMNRLVIDFLSRGRHHHHHH
;
D,C
#
# COMPACT_ATOMS: atom_id res chain seq x y z
N VAL A 4 -28.58 -1.42 15.89
CA VAL A 4 -28.73 -0.12 15.25
C VAL A 4 -29.25 0.88 16.28
N GLN A 5 -29.20 2.18 15.95
CA GLN A 5 -29.55 3.21 16.92
C GLN A 5 -30.56 4.23 16.40
N LEU A 6 -31.29 3.89 15.33
CA LEU A 6 -32.46 4.66 14.94
C LEU A 6 -33.59 3.66 14.67
N VAL A 7 -34.74 3.88 15.32
CA VAL A 7 -35.88 2.97 15.25
C VAL A 7 -37.03 3.66 14.54
N GLU A 8 -37.57 3.01 13.52
CA GLU A 8 -38.70 3.51 12.75
C GLU A 8 -40.02 3.19 13.44
N SER A 9 -41.05 3.93 13.07
CA SER A 9 -42.42 3.66 13.48
C SER A 9 -43.34 4.45 12.55
N GLY A 10 -44.65 4.32 12.79
CA GLY A 10 -45.67 5.12 12.12
C GLY A 10 -46.25 4.57 10.84
N GLY A 11 -45.76 3.42 10.35
CA GLY A 11 -46.24 2.89 9.10
C GLY A 11 -47.57 2.16 9.25
N GLY A 12 -48.17 1.84 8.10
CA GLY A 12 -49.44 1.16 8.11
C GLY A 12 -50.06 1.15 6.71
N LEU A 13 -51.34 0.76 6.68
CA LEU A 13 -52.10 0.70 5.44
C LEU A 13 -52.93 1.98 5.29
N VAL A 14 -52.78 2.65 4.14
CA VAL A 14 -53.52 3.87 3.84
C VAL A 14 -54.13 3.73 2.46
N GLN A 15 -55.23 4.43 2.24
CA GLN A 15 -55.83 4.43 0.91
C GLN A 15 -55.19 5.50 0.04
N PRO A 16 -55.11 5.28 -1.26
CA PRO A 16 -54.46 6.25 -2.14
C PRO A 16 -55.02 7.66 -1.97
N GLY A 17 -54.13 8.63 -1.87
CA GLY A 17 -54.49 9.99 -1.53
C GLY A 17 -54.42 10.31 -0.05
N GLY A 18 -54.28 9.30 0.81
CA GLY A 18 -54.23 9.52 2.25
C GLY A 18 -52.87 9.98 2.76
N SER A 19 -52.79 10.13 4.07
CA SER A 19 -51.63 10.68 4.75
C SER A 19 -51.11 9.71 5.81
N LEU A 20 -49.86 9.95 6.21
CA LEU A 20 -49.15 9.11 7.18
C LEU A 20 -47.88 9.84 7.63
N ARG A 21 -47.63 9.84 8.94
CA ARG A 21 -46.39 10.41 9.49
C ARG A 21 -45.52 9.31 10.07
N LEU A 22 -44.34 9.09 9.47
CA LEU A 22 -43.35 8.18 10.01
C LEU A 22 -42.42 8.93 10.96
N SER A 23 -41.93 8.23 11.98
CA SER A 23 -40.95 8.82 12.89
C SER A 23 -39.73 7.92 13.02
N CYS A 24 -38.62 8.58 13.29
CA CYS A 24 -37.31 7.96 13.39
C CYS A 24 -36.77 8.40 14.73
N GLU A 25 -36.62 7.49 15.67
CA GLU A 25 -36.32 7.89 17.04
C GLU A 25 -34.89 7.50 17.40
N ALA A 26 -34.24 8.41 18.11
CA ALA A 26 -32.90 8.12 18.59
C ALA A 26 -32.97 7.21 19.80
N THR A 27 -32.05 6.25 19.86
CA THR A 27 -31.93 5.33 20.98
C THR A 27 -30.92 5.81 22.00
N GLY A 28 -30.07 6.78 21.64
CA GLY A 28 -29.17 7.38 22.60
C GLY A 28 -28.85 8.83 22.31
N ASN A 29 -27.56 9.14 22.25
CA ASN A 29 -27.13 10.50 22.01
C ASN A 29 -27.65 11.00 20.66
N PHE A 30 -27.97 12.28 20.60
CA PHE A 30 -28.62 12.86 19.43
C PHE A 30 -27.87 14.09 18.93
N ASP A 31 -26.54 14.09 19.06
CA ASP A 31 -25.74 15.21 18.57
C ASP A 31 -25.65 15.23 17.04
N ASP A 32 -25.61 14.06 16.42
CA ASP A 32 -25.52 13.97 14.97
C ASP A 32 -26.94 13.71 14.46
N ARG A 33 -27.53 14.72 13.82
CA ARG A 33 -28.90 14.64 13.32
C ARG A 33 -28.92 14.74 11.81
N GLY A 34 -27.85 14.31 11.15
CA GLY A 34 -27.82 14.18 9.72
C GLY A 34 -28.42 12.85 9.31
N ILE A 35 -29.73 12.82 9.12
CA ILE A 35 -30.50 11.58 9.03
C ILE A 35 -31.35 11.60 7.77
N GLY A 36 -31.50 10.43 7.14
CA GLY A 36 -32.29 10.31 5.93
C GLY A 36 -33.34 9.23 6.07
N TRP A 37 -34.35 9.30 5.20
CA TRP A 37 -35.36 8.27 5.06
C TRP A 37 -35.14 7.54 3.74
N PHE A 38 -35.17 6.22 3.81
CA PHE A 38 -34.94 5.34 2.67
C PHE A 38 -36.12 4.40 2.56
N ARG A 39 -36.51 4.07 1.34
CA ARG A 39 -37.54 3.07 1.16
C ARG A 39 -37.01 1.99 0.24
N GLN A 40 -37.46 0.76 0.49
CA GLN A 40 -37.13 -0.38 -0.35
C GLN A 40 -38.41 -1.10 -0.74
N ALA A 41 -38.73 -1.10 -2.04
CA ALA A 41 -39.82 -1.89 -2.58
C ALA A 41 -39.41 -3.37 -2.51
N PRO A 42 -40.36 -4.31 -2.57
CA PRO A 42 -39.95 -5.74 -2.56
C PRO A 42 -39.21 -6.18 -3.83
N GLY A 43 -39.34 -5.43 -4.92
CA GLY A 43 -38.64 -5.76 -6.17
C GLY A 43 -37.39 -4.97 -6.47
N LYS A 44 -37.46 -3.66 -6.27
CA LYS A 44 -36.32 -2.80 -6.55
C LYS A 44 -35.34 -2.80 -5.37
N GLU A 45 -34.33 -1.95 -5.46
CA GLU A 45 -33.36 -1.80 -4.42
C GLU A 45 -33.54 -0.49 -3.66
N ARG A 46 -33.10 -0.47 -2.38
CA ARG A 46 -33.29 0.67 -1.47
C ARG A 46 -32.94 2.02 -2.11
N GLU A 47 -33.71 3.05 -1.75
CA GLU A 47 -33.64 4.35 -2.41
C GLU A 47 -33.76 5.44 -1.35
N GLY A 48 -32.92 6.47 -1.45
CA GLY A 48 -33.01 7.60 -0.53
C GLY A 48 -34.00 8.62 -1.04
N ILE A 49 -34.88 9.09 -0.15
CA ILE A 49 -36.04 9.84 -0.62
C ILE A 49 -36.09 11.20 0.08
N ALA A 50 -35.52 11.29 1.27
CA ALA A 50 -35.49 12.56 1.97
C ALA A 50 -34.41 12.53 3.04
N CYS A 51 -33.69 13.64 3.18
CA CYS A 51 -32.72 13.74 4.26
C CYS A 51 -32.65 15.16 4.78
N ILE A 52 -32.13 15.29 5.99
CA ILE A 52 -31.96 16.56 6.66
C ILE A 52 -30.60 16.52 7.34
N THR A 53 -29.88 17.64 7.30
CA THR A 53 -28.62 17.73 8.00
C THR A 53 -28.87 18.32 9.39
N THR A 54 -27.86 18.20 10.25
CA THR A 54 -28.01 18.76 11.59
C THR A 54 -28.32 20.25 11.54
N ARG A 55 -27.71 20.98 10.61
CA ARG A 55 -27.98 22.40 10.44
C ARG A 55 -29.32 22.68 9.78
N GLY A 56 -30.00 21.66 9.24
CA GLY A 56 -31.36 21.83 8.77
C GLY A 56 -31.56 21.76 7.28
N ARG A 57 -30.52 21.61 6.47
CA ARG A 57 -30.72 21.52 5.02
C ARG A 57 -31.44 20.24 4.65
N THR A 58 -32.45 20.34 3.81
CA THR A 58 -33.20 19.18 3.34
C THR A 58 -32.96 18.93 1.86
N HIS A 59 -33.21 17.69 1.44
CA HIS A 59 -33.28 17.29 0.05
C HIS A 59 -34.36 16.23 -0.09
N TYR A 60 -35.04 16.25 -1.23
CA TYR A 60 -36.09 15.28 -1.54
C TYR A 60 -35.80 14.69 -2.90
N ALA A 61 -35.96 13.37 -3.02
CA ALA A 61 -35.97 12.76 -4.32
C ALA A 61 -37.12 13.32 -5.15
N GLU A 62 -36.94 13.30 -6.47
CA GLU A 62 -37.95 13.83 -7.38
C GLU A 62 -39.31 13.13 -7.22
N SER A 63 -39.33 11.83 -6.91
CA SER A 63 -40.60 11.09 -6.85
C SER A 63 -41.44 11.44 -5.63
N VAL A 64 -40.87 12.09 -4.63
CA VAL A 64 -41.62 12.50 -3.45
C VAL A 64 -41.63 14.00 -3.26
N GLU A 65 -40.92 14.75 -4.12
CA GLU A 65 -40.87 16.21 -4.02
C GLU A 65 -42.26 16.81 -3.99
N GLY A 66 -42.49 17.72 -3.04
CA GLY A 66 -43.76 18.37 -2.86
C GLY A 66 -44.79 17.61 -2.04
N ARG A 67 -44.64 16.29 -1.90
CA ARG A 67 -45.61 15.51 -1.13
C ARG A 67 -45.12 15.11 0.25
N PHE A 68 -43.82 14.93 0.44
CA PHE A 68 -43.27 14.52 1.72
C PHE A 68 -42.56 15.70 2.39
N THR A 69 -42.51 15.67 3.73
CA THR A 69 -41.84 16.68 4.53
C THR A 69 -41.01 15.98 5.60
N ILE A 70 -39.70 16.17 5.57
CA ILE A 70 -38.82 15.67 6.62
C ILE A 70 -38.52 16.82 7.58
N SER A 71 -38.57 16.54 8.88
CA SER A 71 -38.30 17.55 9.89
C SER A 71 -37.60 16.90 11.08
N THR A 72 -36.93 17.73 11.88
CA THR A 72 -36.21 17.25 13.05
C THR A 72 -36.81 17.89 14.29
N ASP A 73 -37.25 17.06 15.22
CA ASP A 73 -37.76 17.48 16.52
C ASP A 73 -36.66 17.18 17.54
N ILE A 74 -35.91 18.21 17.92
CA ILE A 74 -34.74 17.99 18.78
C ILE A 74 -35.17 17.60 20.19
N ALA A 75 -36.21 18.25 20.72
CA ALA A 75 -36.73 17.92 22.05
C ALA A 75 -37.03 16.44 22.23
N ASN A 76 -37.64 15.79 21.24
CA ASN A 76 -38.05 14.40 21.40
C ASN A 76 -37.12 13.40 20.75
N ASN A 77 -35.91 13.82 20.37
CA ASN A 77 -34.89 13.00 19.68
C ASN A 77 -35.48 12.18 18.52
N ALA A 78 -36.19 12.88 17.62
CA ALA A 78 -36.85 12.21 16.51
C ALA A 78 -36.71 13.02 15.22
N VAL A 79 -36.79 12.31 14.11
CA VAL A 79 -36.92 12.90 12.77
C VAL A 79 -38.23 12.37 12.18
N TYR A 80 -39.08 13.27 11.70
CA TYR A 80 -40.38 12.85 11.18
C TYR A 80 -40.37 12.90 9.66
N LEU A 81 -41.16 12.04 9.04
CA LEU A 81 -41.36 12.08 7.59
C LEU A 81 -42.87 12.18 7.35
N GLN A 82 -43.36 13.39 7.08
CA GLN A 82 -44.78 13.57 6.78
C GLN A 82 -45.04 13.17 5.33
N MET A 83 -45.95 12.22 5.11
CA MET A 83 -46.25 11.73 3.77
C MET A 83 -47.70 12.07 3.42
N ASN A 84 -47.88 12.86 2.36
CA ASN A 84 -49.21 13.25 1.88
C ASN A 84 -49.36 12.86 0.41
N SER A 85 -50.62 12.75 -0.02
CA SER A 85 -50.96 12.31 -1.39
C SER A 85 -50.28 10.99 -1.72
N LEU A 86 -50.39 10.03 -0.81
CA LEU A 86 -49.80 8.72 -1.02
C LEU A 86 -50.41 8.06 -2.26
N LYS A 87 -49.66 7.15 -2.86
CA LYS A 87 -50.10 6.47 -4.06
C LYS A 87 -49.61 5.04 -4.01
N PRO A 88 -50.10 4.16 -4.89
CA PRO A 88 -49.65 2.76 -4.84
C PRO A 88 -48.14 2.58 -4.93
N GLU A 89 -47.44 3.44 -5.69
CA GLU A 89 -46.00 3.28 -5.85
C GLU A 89 -45.25 3.43 -4.53
N ASP A 90 -45.72 4.33 -3.66
CA ASP A 90 -45.09 4.59 -2.37
C ASP A 90 -45.10 3.37 -1.46
N THR A 91 -45.75 2.28 -1.86
CA THR A 91 -45.76 1.08 -1.04
C THR A 91 -44.35 0.49 -0.98
N ALA A 92 -43.79 0.40 0.24
CA ALA A 92 -42.45 -0.16 0.45
C ALA A 92 -42.12 -0.27 1.93
N VAL A 93 -40.95 -0.79 2.25
CA VAL A 93 -40.43 -0.74 3.61
C VAL A 93 -39.59 0.53 3.74
N TYR A 94 -39.83 1.29 4.82
CA TYR A 94 -39.20 2.58 5.03
C TYR A 94 -38.20 2.47 6.17
N TYR A 95 -36.97 2.90 5.91
CA TYR A 95 -35.87 2.81 6.86
C TYR A 95 -35.26 4.19 7.05
N CYS A 96 -34.86 4.51 8.26
CA CYS A 96 -34.08 5.71 8.50
C CYS A 96 -32.70 5.33 9.01
N ALA A 97 -31.69 6.07 8.52
CA ALA A 97 -30.30 5.82 8.87
C ALA A 97 -29.54 7.13 8.83
N LYS A 98 -28.40 7.16 9.52
CA LYS A 98 -27.42 8.22 9.34
C LYS A 98 -27.10 8.39 7.86
N ALA A 99 -27.19 9.62 7.35
CA ALA A 99 -27.18 9.90 5.92
C ALA A 99 -26.21 11.02 5.58
N ILE A 100 -26.00 11.19 4.26
CA ILE A 100 -25.14 12.22 3.67
C ILE A 100 -25.95 12.95 2.61
N ARG A 101 -25.96 14.28 2.64
CA ARG A 101 -26.46 15.06 1.51
C ARG A 101 -25.26 15.23 0.59
N LEU A 102 -25.30 14.53 -0.54
CA LEU A 102 -24.18 14.41 -1.44
C LEU A 102 -24.50 15.14 -2.74
N THR A 103 -23.67 16.10 -3.11
CA THR A 103 -23.79 16.75 -4.40
C THR A 103 -22.57 16.38 -5.25
N THR A 104 -22.83 15.80 -6.43
CA THR A 104 -21.82 15.59 -7.46
C THR A 104 -22.27 16.43 -8.65
N ASP A 105 -22.86 15.84 -9.69
CA ASP A 105 -23.56 16.60 -10.73
C ASP A 105 -25.01 16.86 -10.37
N ARG A 106 -25.48 16.25 -9.29
CA ARG A 106 -26.82 16.47 -8.76
C ARG A 106 -26.76 16.16 -7.27
N THR A 107 -27.82 16.52 -6.56
CA THR A 107 -27.94 16.22 -5.15
C THR A 107 -28.78 14.98 -4.94
N GLN A 108 -28.31 14.08 -4.08
CA GLN A 108 -29.09 12.92 -3.67
C GLN A 108 -28.83 12.63 -2.19
N CYS A 109 -29.72 11.86 -1.58
CA CYS A 109 -29.49 11.35 -0.23
C CYS A 109 -28.91 9.95 -0.35
N VAL A 110 -27.75 9.74 0.28
CA VAL A 110 -27.11 8.43 0.32
C VAL A 110 -26.92 8.05 1.79
N ALA A 111 -26.83 6.74 2.02
CA ALA A 111 -26.59 6.28 3.38
C ALA A 111 -25.14 6.52 3.76
N PHE A 112 -24.92 6.75 5.06
CA PHE A 112 -23.56 6.84 5.56
C PHE A 112 -22.87 5.49 5.40
N PRO A 113 -21.62 5.44 4.92
CA PRO A 113 -21.00 4.15 4.58
C PRO A 113 -20.92 3.23 5.78
N GLY A 114 -21.30 1.98 5.57
CA GLY A 114 -21.19 1.00 6.63
C GLY A 114 -22.28 1.04 7.67
N VAL A 115 -23.40 1.70 7.40
CA VAL A 115 -24.44 1.67 8.38
C VAL A 115 -25.06 0.31 8.36
N SER A 116 -25.49 -0.11 9.53
CA SER A 116 -26.29 -1.31 9.71
C SER A 116 -27.76 -0.91 9.81
N TRP A 117 -28.58 -1.49 8.95
CA TRP A 117 -30.00 -1.20 8.87
C TRP A 117 -30.81 -1.92 9.96
N GLY A 118 -31.99 -1.42 10.23
CA GLY A 118 -32.85 -1.97 11.25
C GLY A 118 -34.14 -2.51 10.72
N ARG A 119 -35.11 -2.66 11.60
CA ARG A 119 -36.36 -3.30 11.27
C ARG A 119 -37.08 -2.64 10.14
N GLY A 120 -37.30 -1.34 10.27
CA GLY A 120 -38.01 -0.58 9.27
C GLY A 120 -39.42 -0.41 9.73
N THR A 121 -40.24 0.16 8.86
CA THR A 121 -41.65 0.33 9.12
C THR A 121 -42.36 0.24 7.78
N GLN A 122 -43.44 -0.54 7.75
CA GLN A 122 -44.07 -0.95 6.49
C GLN A 122 -45.16 0.06 6.14
N VAL A 123 -45.18 0.48 4.87
CA VAL A 123 -46.19 1.39 4.34
C VAL A 123 -46.79 0.73 3.11
N THR A 124 -48.13 0.65 3.08
CA THR A 124 -48.87 -0.01 2.01
C THR A 124 -50.02 0.89 1.58
N VAL A 125 -50.05 1.25 0.30
CA VAL A 125 -51.06 2.16 -0.25
C VAL A 125 -51.87 1.41 -1.31
N SER A 126 -53.14 1.11 -0.98
CA SER A 126 -54.09 0.52 -1.94
C SER A 126 -55.54 0.63 -1.46
N GLU B 2 41.22 -4.63 -3.95
CA GLU B 2 40.33 -5.57 -3.29
C GLU B 2 39.47 -4.88 -2.25
N GLU B 3 38.17 -5.04 -2.35
CA GLU B 3 37.27 -4.26 -1.54
C GLU B 3 37.01 -4.90 -0.19
N PHE B 4 37.02 -6.21 -0.12
CA PHE B 4 36.70 -6.93 1.10
C PHE B 4 37.70 -8.05 1.36
N PRO B 5 37.99 -8.34 2.64
CA PRO B 5 38.91 -9.43 2.97
C PRO B 5 38.41 -10.78 2.45
N VAL B 6 39.19 -11.40 1.59
CA VAL B 6 38.88 -12.74 1.10
C VAL B 6 39.34 -13.75 2.15
N PRO B 7 38.47 -14.65 2.61
CA PRO B 7 38.91 -15.68 3.57
C PRO B 7 39.89 -16.63 2.93
N ASN B 8 40.86 -17.09 3.73
CA ASN B 8 41.90 -17.97 3.21
C ASN B 8 41.31 -19.30 2.75
N GLY B 9 41.97 -19.92 1.75
CA GLY B 9 41.43 -21.06 1.02
C GLY B 9 40.49 -20.70 -0.10
N PHE B 10 40.25 -19.40 -0.33
CA PHE B 10 39.36 -18.86 -1.34
C PHE B 10 40.15 -17.94 -2.26
N GLU B 11 39.71 -17.82 -3.49
CA GLU B 11 40.38 -16.98 -4.43
C GLU B 11 39.44 -15.96 -4.98
N SER B 12 39.94 -14.76 -5.21
CA SER B 12 39.21 -13.68 -5.87
C SER B 12 39.65 -13.63 -7.33
N ALA B 13 38.70 -13.75 -8.26
CA ALA B 13 38.98 -13.93 -9.68
C ALA B 13 37.91 -13.25 -10.54
N TYR B 14 38.17 -13.18 -11.83
CA TYR B 14 37.26 -12.58 -12.79
C TYR B 14 37.00 -13.53 -13.95
N ARG B 15 35.88 -13.28 -14.64
CA ARG B 15 35.43 -14.10 -15.77
C ARG B 15 34.59 -13.22 -16.67
N GLU B 16 34.93 -13.21 -17.96
CA GLU B 16 34.11 -12.48 -18.91
C GLU B 16 32.95 -13.37 -19.31
N VAL B 17 31.75 -12.80 -19.28
CA VAL B 17 30.52 -13.47 -19.68
C VAL B 17 29.75 -12.48 -20.55
N ASP B 18 29.47 -12.89 -21.79
CA ASP B 18 28.83 -12.04 -22.80
C ASP B 18 29.33 -10.61 -22.72
N GLY B 19 30.66 -10.47 -22.79
CA GLY B 19 31.30 -9.16 -22.87
C GLY B 19 31.36 -8.40 -21.56
N VAL B 20 30.98 -9.00 -20.45
CA VAL B 20 30.94 -8.32 -19.17
C VAL B 20 31.83 -9.09 -18.19
N LYS B 21 32.69 -8.35 -17.50
CA LYS B 21 33.71 -8.96 -16.64
C LYS B 21 33.16 -9.02 -15.21
N LEU B 22 32.84 -10.23 -14.76
CA LEU B 22 32.22 -10.47 -13.46
C LEU B 22 33.28 -10.86 -12.44
N HIS B 23 33.25 -10.23 -11.27
CA HIS B 23 34.09 -10.59 -10.14
C HIS B 23 33.38 -11.62 -9.26
N TYR B 24 34.13 -12.56 -8.70
CA TYR B 24 33.58 -13.57 -7.83
C TYR B 24 34.64 -14.07 -6.86
N VAL B 25 34.18 -14.74 -5.82
CA VAL B 25 35.07 -15.41 -4.86
C VAL B 25 34.69 -16.88 -4.83
N LYS B 26 35.69 -17.75 -5.00
CA LYS B 26 35.47 -19.16 -5.19
C LYS B 26 36.32 -19.93 -4.19
N GLY B 27 35.81 -21.07 -3.74
CA GLY B 27 36.61 -21.96 -2.92
C GLY B 27 35.92 -23.28 -2.72
N GLY B 28 36.64 -24.22 -2.11
CA GLY B 28 36.09 -25.53 -1.82
C GLY B 28 36.16 -26.47 -3.00
N GLN B 29 35.53 -27.63 -2.81
CA GLN B 29 35.56 -28.71 -3.78
C GLN B 29 34.26 -29.51 -3.65
N GLY B 30 33.76 -30.01 -4.78
CA GLY B 30 32.55 -30.79 -4.82
C GLY B 30 31.50 -30.13 -5.71
N PRO B 31 30.24 -30.56 -5.59
CA PRO B 31 29.15 -29.92 -6.35
C PRO B 31 29.06 -28.43 -6.08
N LEU B 32 28.58 -27.68 -7.09
CA LEU B 32 28.57 -26.21 -7.05
C LEU B 32 27.43 -25.65 -6.21
N VAL B 33 27.71 -24.56 -5.50
CA VAL B 33 26.71 -23.72 -4.86
C VAL B 33 27.07 -22.28 -5.17
N MET B 34 26.13 -21.56 -5.78
CA MET B 34 26.32 -20.15 -6.06
C MET B 34 25.51 -19.33 -5.05
N LEU B 35 26.11 -18.26 -4.55
CA LEU B 35 25.52 -17.40 -3.54
C LEU B 35 25.43 -16.00 -4.11
N VAL B 36 24.21 -15.43 -4.18
CA VAL B 36 23.99 -14.18 -4.89
C VAL B 36 23.48 -13.14 -3.89
N HIS B 37 24.26 -12.08 -3.69
CA HIS B 37 23.95 -11.06 -2.71
C HIS B 37 22.86 -10.12 -3.22
N GLY B 38 22.51 -9.12 -2.40
CA GLY B 38 21.51 -8.13 -2.79
C GLY B 38 21.96 -6.69 -2.64
N PHE B 39 21.00 -5.75 -2.60
CA PHE B 39 21.30 -4.32 -2.58
C PHE B 39 22.00 -3.87 -1.29
N GLY B 40 22.87 -2.86 -1.44
CA GLY B 40 23.70 -2.32 -0.38
C GLY B 40 24.87 -3.20 0.03
N GLN B 41 25.02 -4.36 -0.58
CA GLN B 41 26.06 -5.29 -0.18
C GLN B 41 26.75 -5.86 -1.42
N THR B 42 27.63 -6.82 -1.20
CA THR B 42 28.45 -7.47 -2.23
C THR B 42 28.57 -8.94 -1.83
N TRP B 43 29.49 -9.65 -2.50
CA TRP B 43 29.75 -11.04 -2.15
C TRP B 43 30.04 -11.20 -0.66
N TYR B 44 30.52 -10.14 0.00
CA TYR B 44 31.11 -10.26 1.33
C TYR B 44 30.08 -10.70 2.37
N GLU B 45 28.79 -10.43 2.15
CA GLU B 45 27.79 -10.83 3.13
C GLU B 45 27.79 -12.34 3.32
N TRP B 46 28.32 -13.11 2.37
CA TRP B 46 28.37 -14.55 2.49
C TRP B 46 29.67 -15.05 3.15
N HIS B 47 30.56 -14.14 3.59
CA HIS B 47 31.89 -14.55 3.99
C HIS B 47 31.90 -15.49 5.20
N GLN B 48 30.84 -15.54 6.01
CA GLN B 48 30.79 -16.49 7.12
C GLN B 48 30.13 -17.80 6.76
N LEU B 49 29.25 -17.82 5.76
CA LEU B 49 28.71 -19.11 5.33
C LEU B 49 29.68 -19.86 4.42
N MET B 50 30.47 -19.12 3.64
CA MET B 50 31.30 -19.76 2.61
C MET B 50 32.27 -20.80 3.17
N PRO B 51 33.06 -20.51 4.22
CA PRO B 51 33.96 -21.57 4.75
C PRO B 51 33.22 -22.81 5.21
N GLU B 52 32.04 -22.63 5.80
CA GLU B 52 31.25 -23.78 6.24
C GLU B 52 30.77 -24.60 5.05
N LEU B 53 30.36 -23.94 3.97
CA LEU B 53 29.89 -24.65 2.78
C LEU B 53 31.05 -25.27 2.00
N ALA B 54 32.19 -24.58 1.98
CA ALA B 54 33.35 -25.07 1.23
C ALA B 54 33.85 -26.43 1.71
N LYS B 55 33.52 -26.83 2.95
CA LYS B 55 33.88 -28.16 3.44
C LYS B 55 33.21 -29.27 2.63
N ARG B 56 32.15 -28.96 1.90
CA ARG B 56 31.37 -29.96 1.20
C ARG B 56 31.04 -29.58 -0.22
N PHE B 57 31.17 -28.32 -0.59
CA PHE B 57 30.76 -27.83 -1.88
C PHE B 57 31.84 -26.93 -2.47
N THR B 58 31.82 -26.82 -3.80
CA THR B 58 32.50 -25.72 -4.47
C THR B 58 31.59 -24.51 -4.37
N VAL B 59 32.08 -23.43 -3.77
CA VAL B 59 31.30 -22.24 -3.46
C VAL B 59 31.75 -21.09 -4.33
N ILE B 60 30.83 -20.47 -5.07
CA ILE B 60 31.13 -19.30 -5.88
C ILE B 60 30.17 -18.18 -5.50
N ALA B 61 30.68 -16.98 -5.30
CA ALA B 61 29.90 -15.87 -4.79
C ALA B 61 30.15 -14.65 -5.65
N PRO B 62 29.36 -14.44 -6.70
CA PRO B 62 29.61 -13.32 -7.61
C PRO B 62 29.15 -11.99 -7.03
N ASP B 63 29.74 -10.90 -7.54
CA ASP B 63 29.15 -9.57 -7.37
C ASP B 63 28.23 -9.29 -8.54
N LEU B 64 27.05 -8.76 -8.25
CA LEU B 64 26.09 -8.45 -9.30
C LEU B 64 26.70 -7.45 -10.29
N PRO B 65 26.35 -7.56 -11.58
CA PRO B 65 26.81 -6.60 -12.57
C PRO B 65 26.67 -5.16 -12.06
N GLY B 66 27.74 -4.39 -12.20
CA GLY B 66 27.79 -3.02 -11.74
C GLY B 66 28.10 -2.86 -10.26
N LEU B 67 27.98 -3.91 -9.49
CA LEU B 67 28.17 -3.81 -8.05
C LEU B 67 29.44 -4.52 -7.65
N GLY B 68 29.88 -4.27 -6.43
CA GLY B 68 31.15 -4.81 -6.01
C GLY B 68 32.21 -4.44 -7.03
N GLN B 69 32.94 -5.45 -7.49
CA GLN B 69 34.00 -5.31 -8.47
C GLN B 69 33.60 -5.91 -9.81
N SER B 70 32.33 -5.80 -10.19
CA SER B 70 31.83 -6.29 -11.47
C SER B 70 31.47 -5.12 -12.38
N GLU B 71 31.64 -5.34 -13.68
CA GLU B 71 31.27 -4.32 -14.66
C GLU B 71 29.74 -4.22 -14.76
N PRO B 72 29.23 -3.07 -15.19
CA PRO B 72 27.80 -2.97 -15.45
C PRO B 72 27.40 -3.94 -16.54
N PRO B 73 26.15 -4.38 -16.55
CA PRO B 73 25.69 -5.24 -17.64
C PRO B 73 25.61 -4.45 -18.94
N LYS B 74 25.63 -5.19 -20.05
CA LYS B 74 25.53 -4.54 -21.35
C LYS B 74 24.10 -4.54 -21.88
N THR B 75 23.35 -5.63 -21.70
CA THR B 75 21.95 -5.67 -22.08
C THR B 75 21.01 -4.75 -21.30
N GLY B 76 20.80 -5.06 -20.02
CA GLY B 76 20.09 -4.16 -19.16
C GLY B 76 20.07 -4.66 -17.74
N TYR B 77 19.21 -4.06 -16.92
CA TYR B 77 19.16 -4.36 -15.51
C TYR B 77 17.95 -5.17 -15.12
N SER B 78 17.14 -5.61 -16.08
CA SER B 78 15.98 -6.39 -15.72
C SER B 78 16.39 -7.80 -15.32
N GLY B 79 15.50 -8.48 -14.61
CA GLY B 79 15.80 -9.81 -14.10
C GLY B 79 16.22 -10.78 -15.17
N GLU B 80 15.51 -10.81 -16.30
CA GLU B 80 15.83 -11.79 -17.35
C GLU B 80 17.17 -11.47 -17.98
N GLN B 81 17.48 -10.19 -18.16
CA GLN B 81 18.77 -9.84 -18.73
C GLN B 81 19.91 -10.20 -17.80
N VAL B 82 19.83 -9.77 -16.53
CA VAL B 82 20.92 -9.98 -15.58
C VAL B 82 21.09 -11.48 -15.30
N ALA B 83 20.00 -12.24 -15.29
CA ALA B 83 20.11 -13.68 -15.02
C ALA B 83 20.89 -14.44 -16.10
N VAL B 84 20.96 -13.92 -17.33
CA VAL B 84 21.77 -14.62 -18.33
C VAL B 84 23.25 -14.60 -17.92
N TYR B 85 23.72 -13.44 -17.45
CA TYR B 85 25.08 -13.32 -16.90
C TYR B 85 25.36 -14.33 -15.79
N LEU B 86 24.46 -14.42 -14.80
CA LEU B 86 24.75 -15.29 -13.66
C LEU B 86 24.60 -16.76 -14.02
N HIS B 87 23.71 -17.09 -14.97
CA HIS B 87 23.54 -18.48 -15.37
C HIS B 87 24.75 -18.98 -16.15
N LYS B 88 25.27 -18.17 -17.07
CA LYS B 88 26.47 -18.60 -17.81
C LYS B 88 27.69 -18.67 -16.90
N LEU B 89 27.77 -17.78 -15.90
CA LEU B 89 28.86 -17.88 -14.95
C LEU B 89 28.83 -19.21 -14.21
N ALA B 90 27.67 -19.60 -13.68
CA ALA B 90 27.59 -20.85 -12.94
C ALA B 90 27.88 -22.06 -13.84
N ARG B 91 27.43 -22.01 -15.11
CA ARG B 91 27.65 -23.15 -16.00
C ARG B 91 29.10 -23.31 -16.43
N GLN B 92 29.87 -22.21 -16.50
CA GLN B 92 31.32 -22.30 -16.66
C GLN B 92 31.99 -23.10 -15.55
N PHE B 93 31.34 -23.27 -14.39
CA PHE B 93 31.91 -24.04 -13.29
C PHE B 93 31.19 -25.34 -12.99
N SER B 94 30.01 -25.57 -13.58
CA SER B 94 29.31 -26.84 -13.41
C SER B 94 28.56 -27.11 -14.71
N PRO B 95 29.32 -27.31 -15.81
CA PRO B 95 28.67 -27.41 -17.13
C PRO B 95 27.91 -28.71 -17.34
N ASP B 96 28.24 -29.76 -16.59
CA ASP B 96 27.65 -31.08 -16.79
C ASP B 96 26.80 -31.58 -15.64
N ARG B 97 26.61 -30.80 -14.58
CA ARG B 97 25.80 -31.24 -13.46
C ARG B 97 24.97 -30.08 -12.94
N PRO B 98 23.83 -30.37 -12.27
CA PRO B 98 23.04 -29.30 -11.68
C PRO B 98 23.74 -28.73 -10.43
N PHE B 99 23.47 -27.44 -10.17
CA PHE B 99 24.05 -26.73 -9.05
C PHE B 99 22.96 -26.19 -8.13
N ASP B 100 23.38 -25.76 -6.94
CA ASP B 100 22.50 -25.16 -5.94
C ASP B 100 22.60 -23.64 -6.01
N LEU B 101 21.51 -22.96 -5.65
CA LEU B 101 21.47 -21.50 -5.68
C LEU B 101 20.97 -20.95 -4.34
N VAL B 102 21.71 -20.00 -3.78
CA VAL B 102 21.30 -19.26 -2.61
C VAL B 102 21.30 -17.80 -2.97
N ALA B 103 20.15 -17.14 -2.79
CA ALA B 103 20.04 -15.74 -3.16
C ALA B 103 19.34 -14.97 -2.06
N HIS B 104 19.75 -13.70 -1.91
CA HIS B 104 19.29 -12.77 -0.90
C HIS B 104 18.90 -11.46 -1.59
N ASP B 105 17.71 -10.95 -1.26
CA ASP B 105 17.29 -9.59 -1.67
C ASP B 105 17.21 -9.54 -3.20
N ILE B 106 17.81 -8.55 -3.87
CA ILE B 106 17.62 -8.42 -5.32
C ILE B 106 18.40 -9.49 -6.05
N GLY B 107 19.20 -10.27 -5.31
CA GLY B 107 19.71 -11.52 -5.86
C GLY B 107 18.61 -12.49 -6.25
N ILE B 108 17.45 -12.41 -5.58
CA ILE B 108 16.30 -13.19 -6.01
C ILE B 108 15.81 -12.69 -7.36
N TRP B 109 15.71 -11.36 -7.50
CA TRP B 109 15.25 -10.76 -8.74
C TRP B 109 16.11 -11.21 -9.93
N ASN B 110 17.43 -11.27 -9.73
CA ASN B 110 18.36 -11.50 -10.81
C ASN B 110 18.65 -12.99 -11.03
N THR B 111 17.94 -13.88 -10.35
CA THR B 111 18.11 -15.31 -10.56
C THR B 111 16.80 -16.06 -10.83
N TYR B 112 15.64 -15.52 -10.42
CA TYR B 112 14.39 -16.22 -10.69
C TYR B 112 14.20 -16.55 -12.16
N PRO B 113 14.44 -15.66 -13.14
CA PRO B 113 14.31 -16.10 -14.54
C PRO B 113 15.22 -17.27 -14.91
N MET B 114 16.48 -17.23 -14.49
CA MET B 114 17.39 -18.34 -14.73
C MET B 114 16.84 -19.63 -14.17
N VAL B 115 16.33 -19.60 -12.96
CA VAL B 115 15.86 -20.82 -12.31
C VAL B 115 14.66 -21.39 -13.06
N VAL B 116 13.70 -20.54 -13.44
CA VAL B 116 12.45 -21.11 -13.94
C VAL B 116 12.57 -21.58 -15.39
N LYS B 117 13.53 -21.01 -16.14
CA LYS B 117 13.79 -21.38 -17.53
C LYS B 117 14.76 -22.54 -17.68
N ASN B 118 15.53 -22.88 -16.65
CA ASN B 118 16.59 -23.91 -16.74
C ASN B 118 16.46 -24.85 -15.53
N GLN B 119 15.26 -25.37 -15.32
CA GLN B 119 14.98 -26.04 -14.06
C GLN B 119 15.90 -27.23 -13.79
N ALA B 120 16.26 -27.99 -14.84
CA ALA B 120 17.15 -29.14 -14.70
C ALA B 120 18.57 -28.77 -14.27
N ASP B 121 19.01 -27.52 -14.48
CA ASP B 121 20.30 -27.07 -13.95
C ASP B 121 20.27 -26.72 -12.45
N ILE B 122 19.13 -26.78 -11.77
CA ILE B 122 19.05 -26.38 -10.36
C ILE B 122 18.70 -27.62 -9.53
N ALA B 123 19.58 -27.98 -8.59
CA ALA B 123 19.25 -29.10 -7.70
C ALA B 123 18.38 -28.63 -6.54
N ARG B 124 18.81 -27.58 -5.84
CA ARG B 124 18.10 -27.01 -4.69
C ARG B 124 18.25 -25.49 -4.67
N LEU B 125 17.24 -24.82 -4.09
CA LEU B 125 17.06 -23.39 -4.20
C LEU B 125 16.80 -22.79 -2.83
N VAL B 126 17.52 -21.73 -2.47
CA VAL B 126 17.27 -21.03 -1.22
C VAL B 126 17.12 -19.55 -1.51
N TYR B 127 15.95 -19.01 -1.20
CA TYR B 127 15.64 -17.60 -1.40
C TYR B 127 15.34 -16.96 -0.05
N MET B 128 15.88 -15.76 0.19
CA MET B 128 15.60 -15.08 1.45
C MET B 128 15.41 -13.59 1.29
N GLU B 129 14.46 -13.06 2.06
CA GLU B 129 14.39 -11.62 2.34
C GLU B 129 14.28 -10.72 1.12
N ALA B 130 13.28 -11.03 0.25
CA ALA B 130 12.78 -10.10 -0.75
C ALA B 130 11.65 -10.74 -1.56
N PRO B 131 10.74 -9.95 -2.11
CA PRO B 131 9.71 -10.54 -2.97
C PRO B 131 10.26 -10.86 -4.34
N ILE B 132 9.88 -12.03 -4.86
CA ILE B 132 10.04 -12.22 -6.31
C ILE B 132 9.25 -11.11 -6.99
N PRO B 133 9.79 -10.41 -7.99
CA PRO B 133 9.03 -9.30 -8.60
C PRO B 133 7.77 -9.80 -9.29
N ASP B 134 6.60 -9.44 -8.73
CA ASP B 134 5.27 -9.77 -9.29
C ASP B 134 4.29 -8.72 -8.74
N ALA B 135 2.99 -8.89 -9.02
CA ALA B 135 2.02 -7.84 -8.69
C ALA B 135 1.84 -7.66 -7.18
N ARG B 136 2.32 -8.58 -6.35
N ARG B 136 2.32 -8.59 -6.36
CA ARG B 136 2.23 -8.38 -4.92
CA ARG B 136 2.25 -8.41 -4.93
C ARG B 136 3.05 -7.20 -4.44
C ARG B 136 3.07 -7.21 -4.45
N ILE B 137 4.05 -6.74 -5.22
CA ILE B 137 4.86 -5.60 -4.76
C ILE B 137 4.08 -4.30 -4.78
N TYR B 138 3.01 -4.19 -5.60
CA TYR B 138 2.14 -3.01 -5.64
C TYR B 138 1.22 -2.92 -4.44
N ARG B 139 1.29 -3.88 -3.51
CA ARG B 139 0.43 -3.97 -2.35
C ARG B 139 1.11 -3.60 -1.03
N PHE B 140 2.43 -3.40 -1.03
CA PHE B 140 3.13 -2.94 0.17
C PHE B 140 2.77 -1.48 0.48
N PRO B 141 2.52 -1.17 1.75
CA PRO B 141 2.11 0.20 2.11
C PRO B 141 3.25 1.19 1.95
N ALA B 142 2.90 2.42 1.50
CA ALA B 142 3.81 3.56 1.44
C ALA B 142 4.21 4.09 2.83
N PHE B 143 3.43 3.81 3.87
CA PHE B 143 3.59 4.42 5.20
C PHE B 143 2.88 3.52 6.19
N THR B 144 3.35 3.52 7.44
CA THR B 144 2.75 2.70 8.51
C THR B 144 2.55 3.53 9.77
N ALA B 145 1.81 2.96 10.74
CA ALA B 145 1.54 3.67 11.98
C ALA B 145 2.76 3.83 12.88
N GLN B 146 3.87 3.16 12.58
CA GLN B 146 5.09 3.24 13.37
C GLN B 146 6.16 4.09 12.71
N GLY B 147 5.89 4.64 11.52
CA GLY B 147 6.86 5.42 10.77
C GLY B 147 7.11 4.86 9.38
N GLU B 148 8.36 4.91 8.92
CA GLU B 148 8.63 4.54 7.53
C GLU B 148 8.38 3.06 7.32
N SER B 149 7.83 2.74 6.14
CA SER B 149 7.50 1.38 5.74
C SER B 149 8.71 0.66 5.15
N LEU B 150 8.52 -0.63 4.88
CA LEU B 150 9.60 -1.49 4.41
C LEU B 150 10.13 -1.07 3.05
N VAL B 151 9.26 -0.74 2.09
CA VAL B 151 9.79 -0.64 0.73
C VAL B 151 9.43 0.67 0.03
N TRP B 152 9.24 1.76 0.77
CA TRP B 152 9.09 3.04 0.09
C TRP B 152 10.26 3.35 -0.82
N HIS B 153 11.41 2.74 -0.56
CA HIS B 153 12.57 2.98 -1.39
C HIS B 153 12.43 2.42 -2.80
N PHE B 154 11.46 1.53 -3.07
CA PHE B 154 11.17 1.18 -4.46
C PHE B 154 10.88 2.44 -5.28
N SER B 155 10.02 3.34 -4.77
CA SER B 155 9.69 4.54 -5.52
C SER B 155 10.86 5.51 -5.54
N PHE B 156 11.57 5.61 -4.41
CA PHE B 156 12.74 6.47 -4.33
C PHE B 156 13.77 6.09 -5.39
N PHE B 157 14.13 4.81 -5.44
CA PHE B 157 15.18 4.38 -6.35
C PHE B 157 14.71 4.38 -7.80
N ALA B 158 13.41 4.16 -8.05
CA ALA B 158 12.89 4.07 -9.41
C ALA B 158 12.62 5.42 -10.06
N ALA B 159 12.65 6.49 -9.27
CA ALA B 159 12.24 7.81 -9.72
C ALA B 159 13.12 8.29 -10.87
N ASP B 160 12.51 9.07 -11.76
CA ASP B 160 13.18 9.64 -12.92
C ASP B 160 14.20 10.69 -12.48
N ASP B 161 14.92 11.22 -13.47
CA ASP B 161 15.86 12.33 -13.34
C ASP B 161 17.00 12.01 -12.39
N ARG B 162 17.34 10.73 -12.21
CA ARG B 162 18.41 10.32 -11.29
C ARG B 162 18.18 10.89 -9.88
N LEU B 163 16.93 10.86 -9.42
CA LEU B 163 16.58 11.47 -8.14
C LEU B 163 17.44 10.93 -7.01
N ALA B 164 17.60 9.60 -6.95
CA ALA B 164 18.24 9.03 -5.77
C ALA B 164 19.75 9.21 -5.83
N GLU B 165 20.34 9.06 -7.02
CA GLU B 165 21.78 9.30 -7.17
C GLU B 165 22.13 10.74 -6.84
N THR B 166 21.32 11.70 -7.29
CA THR B 166 21.65 13.09 -7.04
C THR B 166 21.57 13.44 -5.56
N LEU B 167 20.61 12.88 -4.83
CA LEU B 167 20.48 13.22 -3.42
C LEU B 167 21.47 12.45 -2.55
N ILE B 168 21.71 11.19 -2.89
CA ILE B 168 22.57 10.36 -2.03
C ILE B 168 24.06 10.65 -2.27
N ALA B 169 24.45 11.02 -3.50
CA ALA B 169 25.87 11.26 -3.82
C ALA B 169 26.48 12.27 -2.85
N GLY B 170 27.66 11.92 -2.32
CA GLY B 170 28.30 12.72 -1.31
C GLY B 170 27.92 12.34 0.11
N LYS B 171 26.76 11.73 0.28
CA LYS B 171 26.27 11.27 1.58
C LYS B 171 25.95 9.78 1.52
N GLU B 172 26.82 9.01 0.86
CA GLU B 172 26.57 7.58 0.65
C GLU B 172 26.69 6.80 1.95
N ARG B 173 27.70 7.13 2.76
CA ARG B 173 27.84 6.46 4.05
C ARG B 173 26.65 6.79 4.95
N PHE B 174 26.19 8.05 4.91
CA PHE B 174 25.09 8.42 5.80
C PHE B 174 23.82 7.65 5.45
N PHE B 175 23.45 7.65 4.16
CA PHE B 175 22.23 6.97 3.74
C PHE B 175 22.30 5.48 3.99
N LEU B 176 23.40 4.82 3.57
CA LEU B 176 23.46 3.37 3.69
C LEU B 176 23.36 2.93 5.15
N GLU B 177 23.89 3.74 6.07
CA GLU B 177 23.76 3.37 7.46
C GLU B 177 22.30 3.47 7.91
N HIS B 178 21.60 4.53 7.50
CA HIS B 178 20.19 4.62 7.84
C HIS B 178 19.40 3.47 7.22
N PHE B 179 19.63 3.20 5.93
CA PHE B 179 18.92 2.12 5.24
C PHE B 179 19.13 0.80 5.96
N ILE B 180 20.40 0.43 6.23
CA ILE B 180 20.68 -0.84 6.91
C ILE B 180 19.97 -0.87 8.28
N LYS B 181 20.12 0.19 9.07
CA LYS B 181 19.59 0.16 10.44
C LYS B 181 18.07 0.14 10.43
N SER B 182 17.45 0.85 9.49
CA SER B 182 15.99 0.84 9.44
C SER B 182 15.42 -0.49 8.90
N HIS B 183 16.25 -1.39 8.36
CA HIS B 183 15.79 -2.73 7.99
C HIS B 183 16.37 -3.83 8.88
N ALA B 184 16.94 -3.45 10.03
CA ALA B 184 17.53 -4.43 10.94
C ALA B 184 16.80 -4.43 12.28
N SER B 185 16.73 -5.61 12.91
CA SER B 185 16.46 -5.70 14.33
C SER B 185 17.75 -5.56 15.14
N ASN B 186 18.76 -6.34 14.80
CA ASN B 186 20.05 -6.34 15.48
C ASN B 186 20.97 -5.32 14.80
N THR B 187 21.03 -4.11 15.36
CA THR B 187 21.78 -3.01 14.75
C THR B 187 23.25 -3.00 15.12
N GLU B 188 23.68 -3.80 16.09
CA GLU B 188 25.05 -3.68 16.58
C GLU B 188 26.03 -4.58 15.87
N VAL B 189 25.56 -5.62 15.17
CA VAL B 189 26.45 -6.43 14.36
C VAL B 189 27.06 -5.63 13.21
N PHE B 190 26.56 -4.43 12.91
CA PHE B 190 27.12 -3.61 11.84
C PHE B 190 28.13 -2.65 12.44
N SER B 191 29.39 -3.11 12.49
CA SER B 191 30.47 -2.33 13.07
C SER B 191 30.76 -1.12 12.20
N GLU B 192 31.47 -0.17 12.77
CA GLU B 192 31.87 0.98 11.96
C GLU B 192 32.72 0.56 10.77
N ARG B 193 33.51 -0.50 10.90
CA ARG B 193 34.30 -0.94 9.74
C ARG B 193 33.45 -1.65 8.69
N LEU B 194 32.51 -2.50 9.13
CA LEU B 194 31.62 -3.15 8.17
C LEU B 194 30.83 -2.11 7.38
N LEU B 195 30.25 -1.12 8.08
CA LEU B 195 29.54 -0.05 7.38
C LEU B 195 30.46 0.67 6.41
N ASP B 196 31.71 0.91 6.82
CA ASP B 196 32.64 1.62 5.95
C ASP B 196 32.96 0.81 4.70
N LEU B 197 33.14 -0.50 4.85
CA LEU B 197 33.43 -1.36 3.71
C LEU B 197 32.28 -1.33 2.68
N TYR B 198 31.03 -1.53 3.15
CA TYR B 198 29.91 -1.51 2.21
C TYR B 198 29.70 -0.12 1.62
N ALA B 199 29.88 0.93 2.42
CA ALA B 199 29.64 2.29 1.92
C ALA B 199 30.64 2.67 0.85
N ARG B 200 31.91 2.28 1.03
CA ARG B 200 32.93 2.55 0.01
C ARG B 200 32.61 1.84 -1.29
N SER B 201 32.13 0.59 -1.21
CA SER B 201 31.95 -0.19 -2.42
C SER B 201 30.85 0.41 -3.29
N TYR B 202 29.69 0.71 -2.70
CA TYR B 202 28.59 1.18 -3.52
C TYR B 202 28.64 2.69 -3.77
N ALA B 203 29.57 3.42 -3.14
CA ALA B 203 29.72 4.84 -3.44
C ALA B 203 30.39 5.09 -4.79
N LYS B 204 31.06 4.09 -5.37
CA LYS B 204 31.61 4.21 -6.70
C LYS B 204 30.52 4.70 -7.66
N PRO B 205 30.74 5.81 -8.38
CA PRO B 205 29.64 6.38 -9.19
C PRO B 205 28.92 5.37 -10.07
N HIS B 206 29.65 4.45 -10.70
CA HIS B 206 28.95 3.49 -11.55
C HIS B 206 28.19 2.47 -10.71
N SER B 207 28.62 2.25 -9.47
CA SER B 207 27.93 1.28 -8.61
C SER B 207 26.71 1.90 -7.94
N LEU B 208 26.81 3.18 -7.55
CA LEU B 208 25.62 3.91 -7.10
C LEU B 208 24.54 3.87 -8.16
N ASN B 209 24.89 4.28 -9.38
CA ASN B 209 23.92 4.22 -10.48
C ASN B 209 23.38 2.79 -10.69
N ALA B 210 24.27 1.79 -10.71
CA ALA B 210 23.80 0.43 -10.99
C ALA B 210 22.84 -0.07 -9.91
N SER B 211 23.02 0.41 -8.68
CA SER B 211 22.12 0.04 -7.59
C SER B 211 20.68 0.38 -7.92
N PHE B 212 20.45 1.60 -8.39
CA PHE B 212 19.08 2.04 -8.62
C PHE B 212 18.55 1.61 -9.97
N GLU B 213 19.41 1.17 -10.90
CA GLU B 213 18.90 0.70 -12.18
C GLU B 213 18.18 -0.64 -12.04
N TYR B 214 18.59 -1.49 -11.08
CA TYR B 214 17.81 -2.69 -10.76
C TYR B 214 16.38 -2.34 -10.39
N TYR B 215 16.20 -1.20 -9.69
CA TYR B 215 14.88 -0.74 -9.27
C TYR B 215 14.16 -0.04 -10.40
N ARG B 216 14.88 0.67 -11.27
CA ARG B 216 14.24 1.28 -12.43
C ARG B 216 13.80 0.26 -13.45
N ALA B 217 14.37 -0.96 -13.39
CA ALA B 217 13.96 -2.11 -14.19
C ALA B 217 12.95 -3.01 -13.48
N LEU B 218 12.53 -2.64 -12.26
CA LEU B 218 11.71 -3.54 -11.47
C LEU B 218 10.34 -3.76 -12.13
N ASN B 219 9.76 -2.73 -12.75
CA ASN B 219 8.47 -2.96 -13.40
C ASN B 219 8.62 -3.86 -14.62
N GLU B 220 9.70 -3.71 -15.38
CA GLU B 220 9.96 -4.63 -16.47
C GLU B 220 10.12 -6.07 -15.95
N SER B 221 10.83 -6.26 -14.84
CA SER B 221 10.95 -7.61 -14.27
C SER B 221 9.59 -8.19 -13.89
N VAL B 222 8.71 -7.36 -13.35
CA VAL B 222 7.37 -7.83 -12.99
C VAL B 222 6.67 -8.39 -14.23
N ARG B 223 6.73 -7.64 -15.35
CA ARG B 223 6.09 -8.08 -16.59
C ARG B 223 6.75 -9.32 -17.16
N GLN B 224 8.06 -9.46 -17.02
CA GLN B 224 8.69 -10.71 -17.42
C GLN B 224 8.21 -11.88 -16.55
N ASN B 225 8.11 -11.70 -15.23
CA ASN B 225 7.75 -12.81 -14.35
C ASN B 225 6.27 -13.21 -14.46
N ALA B 226 5.39 -12.31 -14.92
CA ALA B 226 4.02 -12.72 -15.21
C ALA B 226 3.96 -13.80 -16.27
N GLU B 227 4.85 -13.75 -17.26
CA GLU B 227 4.95 -14.85 -18.22
C GLU B 227 5.61 -16.07 -17.59
N LEU B 228 6.81 -15.88 -17.01
CA LEU B 228 7.62 -17.03 -16.61
C LEU B 228 6.96 -17.88 -15.55
N ALA B 229 6.15 -17.27 -14.65
CA ALA B 229 5.54 -17.92 -13.49
C ALA B 229 4.38 -18.83 -13.90
N LYS B 230 4.12 -19.04 -15.19
CA LYS B 230 3.16 -20.07 -15.59
C LYS B 230 3.74 -21.47 -15.49
N THR B 231 5.04 -21.58 -15.23
CA THR B 231 5.70 -22.84 -14.89
C THR B 231 6.14 -22.77 -13.42
N ARG B 232 5.57 -23.62 -12.57
CA ARG B 232 5.99 -23.64 -11.18
C ARG B 232 7.42 -24.16 -11.02
N LEU B 233 8.10 -23.67 -9.98
CA LEU B 233 9.43 -24.20 -9.67
C LEU B 233 9.33 -25.66 -9.22
N GLN B 234 10.25 -26.50 -9.72
CA GLN B 234 10.23 -27.94 -9.45
C GLN B 234 11.31 -28.44 -8.49
N MET B 235 12.37 -27.64 -8.25
CA MET B 235 13.43 -28.02 -7.35
C MET B 235 13.03 -27.79 -5.89
N PRO B 236 13.46 -28.64 -4.97
CA PRO B 236 13.25 -28.35 -3.55
C PRO B 236 13.69 -26.93 -3.22
N THR B 237 12.81 -26.21 -2.56
CA THR B 237 13.01 -24.79 -2.33
C THR B 237 12.91 -24.51 -0.85
N MET B 238 13.79 -23.65 -0.33
CA MET B 238 13.66 -23.14 1.03
C MET B 238 13.60 -21.62 1.02
N THR B 239 12.64 -21.06 1.74
CA THR B 239 12.60 -19.61 1.97
C THR B 239 12.91 -19.30 3.43
N LEU B 240 13.61 -18.19 3.64
CA LEU B 240 13.93 -17.67 4.95
C LEU B 240 13.53 -16.20 5.01
N ALA B 241 13.06 -15.76 6.18
CA ALA B 241 12.65 -14.38 6.39
C ALA B 241 12.86 -14.02 7.84
N GLY B 242 13.21 -12.76 8.08
CA GLY B 242 13.34 -12.27 9.44
C GLY B 242 11.96 -11.92 9.96
N GLY B 243 11.66 -12.43 11.16
CA GLY B 243 10.40 -12.11 11.80
C GLY B 243 10.41 -10.89 12.67
N GLY B 244 11.55 -10.24 12.85
CA GLY B 244 11.62 -9.03 13.63
C GLY B 244 11.50 -7.79 12.74
N HIS B 245 11.81 -6.64 13.33
CA HIS B 245 11.72 -5.39 12.61
C HIS B 245 12.64 -5.40 11.36
N GLY B 246 12.08 -5.00 10.22
CA GLY B 246 12.82 -4.92 8.98
C GLY B 246 12.72 -6.14 8.09
N GLY B 247 12.20 -7.26 8.61
CA GLY B 247 12.11 -8.50 7.85
C GLY B 247 10.79 -8.63 7.10
N MET B 248 10.76 -9.62 6.18
CA MET B 248 9.56 -9.90 5.38
C MET B 248 8.53 -10.71 6.12
N GLY B 249 8.92 -11.36 7.21
CA GLY B 249 7.94 -12.12 7.99
C GLY B 249 7.33 -13.25 7.19
N THR B 250 6.01 -13.43 7.34
CA THR B 250 5.31 -14.52 6.69
C THR B 250 5.14 -14.32 5.20
N PHE B 251 5.42 -13.10 4.70
CA PHE B 251 5.19 -12.82 3.29
C PHE B 251 6.05 -13.71 2.39
N GLN B 252 7.28 -13.99 2.79
CA GLN B 252 8.20 -14.74 1.93
C GLN B 252 7.63 -16.10 1.57
N LEU B 253 7.25 -16.89 2.58
CA LEU B 253 6.66 -18.20 2.32
C LEU B 253 5.32 -18.07 1.63
N GLU B 254 4.51 -17.08 2.02
CA GLU B 254 3.18 -16.98 1.45
C GLU B 254 3.26 -16.74 -0.05
N GLN B 255 4.17 -15.87 -0.49
CA GLN B 255 4.35 -15.68 -1.92
C GLN B 255 4.80 -16.97 -2.60
N MET B 256 5.86 -17.57 -2.06
CA MET B 256 6.43 -18.77 -2.66
C MET B 256 5.41 -19.88 -2.83
N LYS B 257 4.34 -19.90 -2.03
CA LYS B 257 3.31 -20.90 -2.25
C LYS B 257 2.67 -20.78 -3.63
N ALA B 258 2.85 -19.65 -4.31
CA ALA B 258 2.34 -19.46 -5.66
C ALA B 258 3.37 -19.82 -6.73
N TYR B 259 4.56 -20.28 -6.33
CA TYR B 259 5.67 -20.51 -7.27
C TYR B 259 6.25 -21.92 -7.20
N ALA B 260 6.37 -22.51 -6.03
CA ALA B 260 7.13 -23.73 -5.81
C ALA B 260 6.22 -24.93 -5.57
N GLU B 261 6.53 -26.05 -6.21
CA GLU B 261 5.86 -27.30 -5.87
C GLU B 261 6.30 -27.84 -4.52
N ASP B 262 7.50 -27.49 -4.08
CA ASP B 262 8.19 -28.19 -3.00
C ASP B 262 8.94 -27.11 -2.21
N VAL B 263 8.34 -26.61 -1.14
CA VAL B 263 8.87 -25.43 -0.48
C VAL B 263 8.92 -25.65 1.02
N GLU B 264 10.03 -25.25 1.63
CA GLU B 264 10.22 -25.27 3.07
C GLU B 264 10.44 -23.84 3.55
N GLY B 265 9.67 -23.39 4.52
CA GLY B 265 9.72 -22.00 4.95
C GLY B 265 10.03 -21.81 6.43
N HIS B 266 10.89 -20.84 6.72
CA HIS B 266 11.27 -20.55 8.11
C HIS B 266 11.32 -19.04 8.33
N VAL B 267 10.87 -18.63 9.51
CA VAL B 267 10.88 -17.24 9.93
C VAL B 267 11.72 -17.18 11.20
N LEU B 268 12.85 -16.48 11.12
CA LEU B 268 13.81 -16.37 12.22
C LEU B 268 13.38 -15.27 13.18
N PRO B 269 12.98 -15.62 14.42
CA PRO B 269 12.48 -14.60 15.36
C PRO B 269 13.55 -13.56 15.72
N GLY B 270 13.14 -12.30 15.78
CA GLY B 270 14.04 -11.26 16.25
C GLY B 270 15.14 -10.88 15.29
N CYS B 271 15.01 -11.23 14.00
CA CYS B 271 15.99 -10.90 12.96
C CYS B 271 15.33 -10.05 11.88
N GLY B 272 16.06 -9.05 11.41
CA GLY B 272 15.52 -8.17 10.38
C GLY B 272 15.82 -8.65 8.98
N HIS B 273 16.24 -7.71 8.11
CA HIS B 273 16.46 -8.00 6.70
C HIS B 273 17.77 -8.74 6.45
N TRP B 274 18.81 -8.43 7.25
CA TRP B 274 20.19 -8.77 6.89
C TRP B 274 20.60 -10.11 7.51
N LEU B 275 19.84 -11.16 7.19
CA LEU B 275 19.99 -12.45 7.88
C LEU B 275 21.44 -12.94 7.97
N PRO B 276 22.26 -12.90 6.93
CA PRO B 276 23.65 -13.40 7.06
C PRO B 276 24.44 -12.78 8.21
N GLU B 277 24.24 -11.49 8.50
CA GLU B 277 24.97 -10.80 9.56
C GLU B 277 24.19 -10.72 10.87
N GLU B 278 22.85 -10.48 10.81
CA GLU B 278 22.06 -10.36 12.02
C GLU B 278 21.93 -11.69 12.74
N CYS B 279 21.75 -12.78 11.97
CA CYS B 279 21.43 -14.07 12.55
C CYS B 279 22.26 -15.18 11.91
N ALA B 280 23.58 -14.94 11.91
CA ALA B 280 24.54 -15.78 11.21
C ALA B 280 24.44 -17.25 11.60
N ALA B 281 24.54 -17.53 12.87
CA ALA B 281 24.51 -18.90 13.32
C ALA B 281 23.28 -19.66 12.84
N PRO B 282 22.09 -19.25 13.23
CA PRO B 282 20.90 -19.99 12.86
C PRO B 282 20.64 -20.03 11.37
N MET B 283 21.00 -18.98 10.67
CA MET B 283 20.88 -18.93 9.23
C MET B 283 21.81 -19.89 8.53
N ASN B 284 23.08 -19.85 8.89
CA ASN B 284 24.04 -20.79 8.34
C ASN B 284 23.61 -22.22 8.59
N ARG B 285 23.18 -22.52 9.82
CA ARG B 285 22.73 -23.86 10.15
C ARG B 285 21.59 -24.31 9.24
N LEU B 286 20.64 -23.42 8.94
CA LEU B 286 19.51 -23.83 8.10
C LEU B 286 19.92 -24.05 6.65
N VAL B 287 20.75 -23.16 6.10
CA VAL B 287 21.26 -23.36 4.73
C VAL B 287 22.07 -24.64 4.64
N ILE B 288 23.03 -24.82 5.55
CA ILE B 288 23.90 -25.99 5.52
C ILE B 288 23.08 -27.26 5.64
N ASP B 289 22.01 -27.24 6.42
CA ASP B 289 21.24 -28.46 6.59
C ASP B 289 20.38 -28.75 5.35
N PHE B 290 19.77 -27.71 4.78
CA PHE B 290 18.90 -27.89 3.60
C PHE B 290 19.68 -28.42 2.40
N LEU B 291 20.89 -27.91 2.19
CA LEU B 291 21.74 -28.36 1.09
C LEU B 291 22.40 -29.71 1.34
N SER B 292 22.43 -30.19 2.59
CA SER B 292 23.17 -31.41 2.91
C SER B 292 22.26 -32.60 3.12
N ARG B 293 21.02 -32.36 3.53
CA ARG B 293 20.08 -33.44 3.79
C ARG B 293 19.98 -34.35 2.57
N GLY B 294 20.15 -35.66 2.81
CA GLY B 294 19.99 -36.66 1.78
C GLY B 294 21.14 -36.79 0.81
N ARG B 295 22.34 -36.35 1.17
CA ARG B 295 23.48 -36.43 0.25
C ARG B 295 24.74 -37.01 0.91
N VAL C 4 -10.91 -25.90 -13.93
CA VAL C 4 -10.82 -27.26 -13.35
C VAL C 4 -10.19 -28.27 -14.30
N GLN C 5 -8.89 -28.52 -14.16
CA GLN C 5 -8.14 -29.29 -15.15
C GLN C 5 -7.77 -30.71 -14.70
N LEU C 6 -8.43 -31.22 -13.67
CA LEU C 6 -8.14 -32.56 -13.14
C LEU C 6 -9.46 -33.20 -12.73
N VAL C 7 -9.71 -34.39 -13.27
CA VAL C 7 -10.97 -35.10 -13.07
C VAL C 7 -10.68 -36.38 -12.29
N GLU C 8 -11.44 -36.61 -11.22
CA GLU C 8 -11.26 -37.78 -10.39
C GLU C 8 -12.18 -38.93 -10.83
N SER C 9 -11.65 -40.15 -10.76
CA SER C 9 -12.44 -41.36 -11.02
C SER C 9 -11.85 -42.51 -10.22
N GLY C 10 -12.53 -43.66 -10.31
CA GLY C 10 -12.04 -44.89 -9.73
C GLY C 10 -12.52 -45.25 -8.33
N GLY C 11 -13.46 -44.48 -7.78
CA GLY C 11 -14.00 -44.79 -6.46
C GLY C 11 -15.00 -45.93 -6.49
N GLY C 12 -15.62 -46.15 -5.34
CA GLY C 12 -16.64 -47.17 -5.23
C GLY C 12 -16.82 -47.63 -3.80
N LEU C 13 -17.74 -48.58 -3.65
CA LEU C 13 -18.05 -49.18 -2.36
C LEU C 13 -17.19 -50.43 -2.16
N VAL C 14 -16.50 -50.49 -1.02
CA VAL C 14 -15.55 -51.56 -0.72
C VAL C 14 -15.75 -51.93 0.75
N GLN C 15 -15.27 -53.13 1.13
CA GLN C 15 -15.37 -53.61 2.49
C GLN C 15 -14.02 -53.52 3.17
N PRO C 16 -13.98 -53.50 4.50
CA PRO C 16 -12.70 -53.41 5.20
C PRO C 16 -11.71 -54.46 4.73
N GLY C 17 -10.45 -54.03 4.53
CA GLY C 17 -9.42 -54.86 3.95
C GLY C 17 -9.32 -54.76 2.44
N GLY C 18 -10.39 -54.35 1.76
CA GLY C 18 -10.37 -54.18 0.33
C GLY C 18 -9.37 -53.15 -0.14
N SER C 19 -9.31 -52.98 -1.47
CA SER C 19 -8.36 -52.08 -2.09
C SER C 19 -8.98 -51.41 -3.30
N LEU C 20 -8.48 -50.22 -3.62
CA LEU C 20 -8.92 -49.41 -4.76
C LEU C 20 -7.73 -48.70 -5.40
N ARG C 21 -7.95 -48.29 -6.65
CA ARG C 21 -7.05 -47.39 -7.38
C ARG C 21 -7.87 -46.22 -7.88
N LEU C 22 -7.58 -45.02 -7.36
CA LEU C 22 -8.21 -43.79 -7.82
C LEU C 22 -7.37 -43.19 -8.93
N SER C 23 -8.03 -42.58 -9.90
CA SER C 23 -7.34 -41.95 -11.02
C SER C 23 -7.67 -40.47 -11.09
N CYS C 24 -6.61 -39.66 -11.16
CA CYS C 24 -6.70 -38.22 -11.40
C CYS C 24 -6.15 -37.98 -12.80
N GLU C 25 -7.00 -37.57 -13.73
CA GLU C 25 -6.65 -37.46 -15.13
C GLU C 25 -6.59 -35.99 -15.53
N ALA C 26 -5.53 -35.61 -16.23
CA ALA C 26 -5.42 -34.23 -16.69
C ALA C 26 -6.26 -34.04 -17.93
N THR C 27 -6.87 -32.84 -18.04
CA THR C 27 -7.72 -32.51 -19.18
C THR C 27 -6.94 -31.84 -20.30
N GLY C 28 -5.69 -31.46 -20.05
CA GLY C 28 -4.87 -30.81 -21.06
C GLY C 28 -3.39 -30.99 -20.85
N ASN C 29 -2.65 -29.90 -20.87
CA ASN C 29 -1.21 -29.94 -20.66
C ASN C 29 -0.89 -30.58 -19.30
N PHE C 30 0.23 -31.30 -19.25
CA PHE C 30 0.59 -32.08 -18.07
C PHE C 30 2.04 -31.84 -17.68
N ASP C 31 2.58 -30.66 -17.97
CA ASP C 31 3.94 -30.32 -17.54
C ASP C 31 4.03 -30.09 -16.05
N ASP C 32 2.96 -29.60 -15.43
CA ASP C 32 2.98 -29.37 -14.00
C ASP C 32 2.31 -30.58 -13.36
N ARG C 33 3.13 -31.44 -12.73
CA ARG C 33 2.63 -32.69 -12.19
C ARG C 33 2.79 -32.74 -10.67
N GLY C 34 2.79 -31.56 -10.03
CA GLY C 34 2.80 -31.48 -8.59
C GLY C 34 1.38 -31.53 -8.06
N ILE C 35 0.88 -32.73 -7.86
CA ILE C 35 -0.56 -32.98 -7.70
C ILE C 35 -0.77 -33.74 -6.40
N GLY C 36 -1.88 -33.45 -5.73
CA GLY C 36 -2.17 -34.03 -4.45
C GLY C 36 -3.56 -34.63 -4.40
N TRP C 37 -3.73 -35.56 -3.47
CA TRP C 37 -5.02 -36.18 -3.18
C TRP C 37 -5.53 -35.69 -1.84
N PHE C 38 -6.79 -35.27 -1.82
CA PHE C 38 -7.47 -34.71 -0.67
C PHE C 38 -8.77 -35.47 -0.45
N ARG C 39 -9.17 -35.61 0.80
CA ARG C 39 -10.44 -36.25 1.09
C ARG C 39 -11.22 -35.37 2.05
N GLN C 40 -12.54 -35.48 1.98
CA GLN C 40 -13.42 -34.70 2.84
C GLN C 40 -14.53 -35.63 3.32
N ALA C 41 -14.52 -35.94 4.62
CA ALA C 41 -15.64 -36.61 5.26
C ALA C 41 -16.85 -35.67 5.27
N PRO C 42 -18.08 -36.21 5.46
CA PRO C 42 -19.28 -35.36 5.42
C PRO C 42 -19.21 -34.10 6.27
N GLY C 43 -19.00 -34.26 7.59
CA GLY C 43 -18.94 -33.13 8.49
C GLY C 43 -17.56 -32.55 8.68
N LYS C 44 -16.53 -33.40 8.59
CA LYS C 44 -15.17 -32.99 8.90
C LYS C 44 -14.61 -32.07 7.82
N GLU C 45 -13.43 -31.51 8.11
CA GLU C 45 -12.79 -30.54 7.23
C GLU C 45 -12.16 -31.25 6.02
N ARG C 46 -11.64 -30.45 5.09
CA ARG C 46 -10.84 -31.02 4.01
C ARG C 46 -9.44 -31.32 4.51
N GLU C 47 -8.90 -32.47 4.11
CA GLU C 47 -7.58 -32.91 4.54
C GLU C 47 -6.75 -33.41 3.36
N GLY C 48 -5.50 -32.98 3.31
CA GLY C 48 -4.57 -33.48 2.32
C GLY C 48 -3.89 -34.73 2.83
N ILE C 49 -3.93 -35.80 2.03
CA ILE C 49 -3.47 -37.10 2.50
C ILE C 49 -2.25 -37.58 1.72
N ALA C 50 -2.10 -37.17 0.46
CA ALA C 50 -0.96 -37.63 -0.32
C ALA C 50 -0.69 -36.66 -1.46
N CYS C 51 0.58 -36.43 -1.72
CA CYS C 51 0.96 -35.60 -2.87
C CYS C 51 2.28 -36.10 -3.39
N ILE C 52 2.50 -35.82 -4.67
CA ILE C 52 3.75 -36.09 -5.36
C ILE C 52 4.10 -34.84 -6.16
N THR C 53 5.39 -34.51 -6.22
CA THR C 53 5.88 -33.39 -7.00
C THR C 53 6.29 -33.89 -8.41
N THR C 54 6.49 -32.94 -9.33
CA THR C 54 6.85 -33.33 -10.70
C THR C 54 8.11 -34.18 -10.71
N ARG C 55 9.05 -33.89 -9.81
CA ARG C 55 10.31 -34.62 -9.70
C ARG C 55 10.16 -35.94 -8.96
N GLY C 56 8.98 -36.25 -8.44
CA GLY C 56 8.71 -37.57 -7.91
C GLY C 56 8.75 -37.70 -6.40
N ARG C 57 8.76 -36.60 -5.68
CA ARG C 57 8.90 -36.63 -4.24
C ARG C 57 7.52 -36.84 -3.65
N THR C 58 7.34 -37.86 -2.84
CA THR C 58 6.05 -38.16 -2.25
C THR C 58 6.02 -37.65 -0.81
N HIS C 59 4.80 -37.47 -0.30
CA HIS C 59 4.54 -37.31 1.11
C HIS C 59 3.17 -37.90 1.40
N TYR C 60 3.02 -38.55 2.56
CA TYR C 60 1.77 -39.16 2.96
C TYR C 60 1.37 -38.62 4.32
N ALA C 61 0.07 -38.43 4.51
CA ALA C 61 -0.48 -38.13 5.83
C ALA C 61 -0.34 -39.34 6.73
N GLU C 62 -0.02 -39.08 8.00
CA GLU C 62 0.18 -40.16 8.97
C GLU C 62 -1.00 -41.12 9.01
N SER C 63 -2.23 -40.61 8.82
CA SER C 63 -3.39 -41.47 8.91
C SER C 63 -3.45 -42.52 7.81
N VAL C 64 -2.76 -42.31 6.69
CA VAL C 64 -2.85 -43.23 5.55
C VAL C 64 -1.50 -43.78 5.14
N GLU C 65 -0.40 -43.33 5.75
CA GLU C 65 0.93 -43.78 5.34
C GLU C 65 1.05 -45.30 5.48
N GLY C 66 1.81 -45.90 4.55
CA GLY C 66 2.03 -47.33 4.54
C GLY C 66 0.95 -48.12 3.83
N ARG C 67 -0.29 -47.63 3.81
CA ARG C 67 -1.38 -48.24 3.06
C ARG C 67 -1.56 -47.67 1.66
N PHE C 68 -1.45 -46.35 1.49
CA PHE C 68 -1.70 -45.71 0.20
C PHE C 68 -0.38 -45.44 -0.53
N THR C 69 -0.43 -45.52 -1.86
CA THR C 69 0.71 -45.16 -2.70
C THR C 69 0.22 -44.19 -3.77
N ILE C 70 0.99 -43.14 -4.02
CA ILE C 70 0.66 -42.16 -5.06
C ILE C 70 1.75 -42.23 -6.10
N SER C 71 1.35 -42.22 -7.37
CA SER C 71 2.33 -42.32 -8.45
C SER C 71 1.83 -41.52 -9.64
N THR C 72 2.74 -41.17 -10.52
CA THR C 72 2.40 -40.42 -11.68
C THR C 72 2.64 -41.24 -12.93
N ASP C 73 1.61 -41.32 -13.77
CA ASP C 73 1.68 -41.96 -15.06
C ASP C 73 1.81 -40.87 -16.08
N ILE C 74 3.03 -40.57 -16.47
CA ILE C 74 3.27 -39.49 -17.36
C ILE C 74 2.66 -39.78 -18.71
N ALA C 75 2.84 -40.98 -19.21
CA ALA C 75 2.35 -41.35 -20.53
C ALA C 75 0.83 -41.25 -20.64
N ASN C 76 0.08 -41.50 -19.57
CA ASN C 76 -1.37 -41.40 -19.64
C ASN C 76 -1.92 -40.09 -19.06
N ASN C 77 -1.05 -39.14 -18.71
CA ASN C 77 -1.46 -37.88 -18.07
C ASN C 77 -2.41 -38.14 -16.90
N ALA C 78 -1.91 -38.85 -15.89
CA ALA C 78 -2.73 -39.18 -14.73
C ALA C 78 -1.86 -39.41 -13.50
N VAL C 79 -2.50 -39.26 -12.34
CA VAL C 79 -1.89 -39.53 -11.05
C VAL C 79 -2.80 -40.52 -10.32
N TYR C 80 -2.22 -41.60 -9.82
CA TYR C 80 -2.98 -42.65 -9.20
C TYR C 80 -2.82 -42.69 -7.69
N LEU C 81 -3.87 -43.09 -7.01
CA LEU C 81 -3.86 -43.34 -5.58
C LEU C 81 -4.18 -44.82 -5.32
N GLN C 82 -3.14 -45.65 -5.26
CA GLN C 82 -3.28 -47.06 -4.88
C GLN C 82 -3.68 -47.15 -3.41
N MET C 83 -4.93 -47.52 -3.14
CA MET C 83 -5.45 -47.62 -1.77
C MET C 83 -5.55 -49.09 -1.36
N ASN C 84 -4.57 -49.59 -0.62
CA ASN C 84 -4.61 -50.94 -0.07
C ASN C 84 -5.15 -50.89 1.35
N SER C 85 -5.83 -51.96 1.75
CA SER C 85 -6.32 -52.12 3.14
C SER C 85 -7.23 -50.99 3.63
N LEU C 86 -8.33 -50.80 2.91
CA LEU C 86 -9.28 -49.77 3.26
C LEU C 86 -10.04 -50.10 4.55
N LYS C 87 -10.64 -49.08 5.14
CA LYS C 87 -11.25 -49.17 6.46
C LYS C 87 -12.41 -48.22 6.51
N PRO C 88 -13.34 -48.39 7.46
CA PRO C 88 -14.44 -47.42 7.57
C PRO C 88 -13.99 -46.00 7.81
N GLU C 89 -12.85 -45.80 8.48
CA GLU C 89 -12.28 -44.46 8.69
C GLU C 89 -11.90 -43.78 7.38
N ASP C 90 -11.58 -44.56 6.34
CA ASP C 90 -11.22 -44.03 5.03
C ASP C 90 -12.43 -43.65 4.17
N THR C 91 -13.65 -43.67 4.71
CA THR C 91 -14.84 -43.30 3.95
C THR C 91 -14.99 -41.77 3.88
N ALA C 92 -14.92 -41.24 2.65
CA ALA C 92 -15.09 -39.81 2.37
C ALA C 92 -15.17 -39.56 0.86
N VAL C 93 -15.33 -38.30 0.46
CA VAL C 93 -15.18 -37.92 -0.95
C VAL C 93 -13.75 -37.52 -1.21
N TYR C 94 -13.18 -38.02 -2.31
CA TYR C 94 -11.77 -37.85 -2.62
C TYR C 94 -11.62 -36.88 -3.79
N TYR C 95 -10.75 -35.88 -3.62
CA TYR C 95 -10.48 -34.87 -4.64
C TYR C 95 -9.00 -34.84 -4.96
N CYS C 96 -8.66 -34.64 -6.24
CA CYS C 96 -7.29 -34.31 -6.60
C CYS C 96 -7.20 -32.85 -7.05
N ALA C 97 -6.03 -32.24 -6.83
CA ALA C 97 -5.80 -30.86 -7.21
C ALA C 97 -4.30 -30.59 -7.29
N LYS C 98 -3.97 -29.52 -8.01
CA LYS C 98 -2.63 -28.93 -7.93
C LYS C 98 -2.28 -28.69 -6.47
N ALA C 99 -1.08 -29.11 -6.05
CA ALA C 99 -0.79 -29.18 -4.62
C ALA C 99 0.62 -28.69 -4.34
N ILE C 100 0.94 -28.55 -3.04
CA ILE C 100 2.25 -28.12 -2.57
C ILE C 100 2.74 -29.10 -1.51
N ARG C 101 3.97 -29.58 -1.67
CA ARG C 101 4.65 -30.28 -0.58
C ARG C 101 5.24 -29.20 0.31
N LEU C 102 4.60 -28.93 1.45
CA LEU C 102 4.91 -27.76 2.29
C LEU C 102 5.51 -28.19 3.61
N THR C 103 6.71 -27.71 3.91
CA THR C 103 7.40 -28.04 5.16
C THR C 103 7.59 -26.78 6.00
N THR C 104 6.99 -26.76 7.19
CA THR C 104 7.25 -25.72 8.18
C THR C 104 7.97 -26.38 9.34
N ASP C 105 7.29 -26.67 10.45
CA ASP C 105 7.85 -27.54 11.49
C ASP C 105 7.53 -29.01 11.23
N ARG C 106 6.78 -29.28 10.17
CA ARG C 106 6.46 -30.62 9.72
C ARG C 106 6.07 -30.50 8.25
N THR C 107 5.86 -31.63 7.62
CA THR C 107 5.52 -31.66 6.21
C THR C 107 4.05 -32.02 6.06
N GLN C 108 3.36 -31.30 5.17
CA GLN C 108 1.99 -31.65 4.83
C GLN C 108 1.76 -31.39 3.34
N CYS C 109 0.65 -31.91 2.84
CA CYS C 109 0.18 -31.60 1.50
C CYS C 109 -0.97 -30.61 1.61
N VAL C 110 -0.83 -29.46 0.97
CA VAL C 110 -1.89 -28.45 0.95
C VAL C 110 -2.20 -28.13 -0.50
N ALA C 111 -3.39 -27.60 -0.74
CA ALA C 111 -3.78 -27.23 -2.09
C ALA C 111 -3.09 -25.95 -2.53
N PHE C 112 -2.90 -25.81 -3.84
CA PHE C 112 -2.40 -24.58 -4.41
C PHE C 112 -3.40 -23.45 -4.18
N PRO C 113 -2.93 -22.22 -3.90
CA PRO C 113 -3.86 -21.12 -3.55
C PRO C 113 -4.92 -20.90 -4.62
N GLY C 114 -6.18 -21.05 -4.20
CA GLY C 114 -7.29 -20.69 -5.06
C GLY C 114 -7.58 -21.65 -6.19
N VAL C 115 -7.43 -22.94 -5.95
CA VAL C 115 -7.76 -23.93 -6.98
C VAL C 115 -9.28 -24.09 -7.04
N SER C 116 -9.77 -24.41 -8.24
CA SER C 116 -11.18 -24.78 -8.40
C SER C 116 -11.33 -26.27 -8.09
N TRP C 117 -12.03 -26.60 -7.00
CA TRP C 117 -12.30 -27.98 -6.66
C TRP C 117 -13.35 -28.59 -7.58
N GLY C 118 -13.01 -29.73 -8.23
CA GLY C 118 -13.92 -30.45 -9.10
C GLY C 118 -14.87 -31.39 -8.36
N ARG C 119 -15.41 -32.35 -9.11
CA ARG C 119 -16.47 -33.21 -8.57
C ARG C 119 -15.97 -34.23 -7.56
N GLY C 120 -14.77 -34.75 -7.76
CA GLY C 120 -14.27 -35.79 -6.87
C GLY C 120 -14.90 -37.14 -7.16
N THR C 121 -14.54 -38.11 -6.31
CA THR C 121 -15.07 -39.46 -6.43
C THR C 121 -15.28 -40.03 -5.04
N GLN C 122 -16.41 -40.71 -4.85
CA GLN C 122 -16.81 -41.18 -3.53
C GLN C 122 -16.17 -42.53 -3.22
N VAL C 123 -15.73 -42.68 -1.99
CA VAL C 123 -15.14 -43.90 -1.56
C VAL C 123 -15.81 -44.25 -0.28
N THR C 124 -16.53 -45.36 -0.28
CA THR C 124 -17.30 -45.75 0.88
C THR C 124 -16.88 -47.10 1.36
N VAL C 125 -16.69 -47.22 2.66
CA VAL C 125 -16.41 -48.53 3.22
C VAL C 125 -17.32 -48.84 4.40
N GLU D 2 10.37 39.73 2.35
CA GLU D 2 9.25 39.47 1.46
C GLU D 2 9.56 38.54 0.31
N GLU D 3 9.09 37.31 0.44
CA GLU D 3 9.38 36.27 -0.48
C GLU D 3 8.61 36.33 -1.78
N PHE D 4 7.36 36.75 -1.75
CA PHE D 4 6.54 36.70 -2.94
C PHE D 4 5.83 38.02 -3.23
N PRO D 5 5.54 38.31 -4.49
CA PRO D 5 4.76 39.53 -4.83
C PRO D 5 3.39 39.56 -4.17
N VAL D 6 3.09 40.65 -3.46
CA VAL D 6 1.76 40.87 -2.88
C VAL D 6 0.84 41.48 -3.94
N PRO D 7 -0.36 40.95 -4.14
CA PRO D 7 -1.26 41.50 -5.16
C PRO D 7 -1.74 42.89 -4.79
N ASN D 8 -2.11 43.66 -5.81
CA ASN D 8 -2.62 45.00 -5.59
C ASN D 8 -3.89 44.97 -4.74
N GLY D 9 -3.93 45.82 -3.72
CA GLY D 9 -5.04 45.88 -2.79
C GLY D 9 -4.84 45.06 -1.53
N PHE D 10 -3.73 44.32 -1.43
CA PHE D 10 -3.46 43.43 -0.30
C PHE D 10 -2.26 43.95 0.48
N GLU D 11 -2.25 43.67 1.78
CA GLU D 11 -1.13 44.00 2.62
C GLU D 11 -0.43 42.72 3.05
N SER D 12 0.82 42.87 3.47
CA SER D 12 1.55 41.81 4.13
C SER D 12 1.73 42.24 5.60
N ALA D 13 1.52 41.32 6.54
CA ALA D 13 1.50 41.67 7.95
C ALA D 13 1.87 40.47 8.80
N TYR D 14 2.01 40.73 10.10
CA TYR D 14 2.30 39.69 11.08
C TYR D 14 1.43 39.90 12.30
N ARG D 15 1.08 38.80 12.95
CA ARG D 15 0.41 38.78 14.24
C ARG D 15 1.09 37.73 15.11
N GLU D 16 1.23 38.04 16.39
CA GLU D 16 1.69 37.05 17.35
C GLU D 16 0.47 36.31 17.86
N VAL D 17 0.57 34.99 17.88
CA VAL D 17 -0.47 34.11 18.37
C VAL D 17 0.25 33.11 19.26
N ASP D 18 -0.12 33.08 20.55
CA ASP D 18 0.51 32.18 21.52
C ASP D 18 2.03 32.14 21.37
N GLY D 19 2.65 33.31 21.27
CA GLY D 19 4.10 33.44 21.25
C GLY D 19 4.78 33.11 19.93
N VAL D 20 4.03 32.87 18.87
CA VAL D 20 4.56 32.55 17.54
C VAL D 20 4.16 33.67 16.59
N LYS D 21 5.14 34.22 15.88
CA LYS D 21 4.87 35.34 14.98
C LYS D 21 4.49 34.79 13.61
N LEU D 22 3.21 34.93 13.27
CA LEU D 22 2.63 34.37 12.06
C LEU D 22 2.53 35.42 10.97
N HIS D 23 3.10 35.12 9.81
CA HIS D 23 2.93 35.95 8.62
C HIS D 23 1.66 35.57 7.87
N TYR D 24 0.94 36.58 7.37
CA TYR D 24 -0.23 36.38 6.54
C TYR D 24 -0.31 37.50 5.51
N VAL D 25 -1.22 37.34 4.55
CA VAL D 25 -1.53 38.36 3.56
C VAL D 25 -3.04 38.55 3.49
N LYS D 26 -3.48 39.80 3.58
CA LYS D 26 -4.89 40.13 3.82
C LYS D 26 -5.34 41.22 2.86
N GLY D 27 -6.60 41.14 2.43
CA GLY D 27 -7.15 42.16 1.57
C GLY D 27 -8.64 41.95 1.56
N GLY D 28 -9.35 42.88 0.94
CA GLY D 28 -10.80 42.76 0.80
C GLY D 28 -11.57 43.31 1.99
N GLN D 29 -12.89 43.24 1.88
CA GLN D 29 -13.80 43.62 2.94
C GLN D 29 -15.01 42.68 2.94
N GLY D 30 -15.55 42.44 4.12
CA GLY D 30 -16.70 41.56 4.25
C GLY D 30 -16.47 40.38 5.17
N PRO D 31 -17.31 39.35 5.04
CA PRO D 31 -17.14 38.13 5.86
C PRO D 31 -15.80 37.47 5.55
N LEU D 32 -15.22 36.83 6.56
CA LEU D 32 -13.84 36.35 6.43
C LEU D 32 -13.75 35.02 5.67
N VAL D 33 -12.70 34.88 4.86
CA VAL D 33 -12.32 33.61 4.27
C VAL D 33 -10.83 33.43 4.51
N MET D 34 -10.46 32.35 5.18
CA MET D 34 -9.05 32.00 5.34
C MET D 34 -8.68 30.89 4.37
N LEU D 35 -7.47 30.99 3.79
CA LEU D 35 -6.95 30.04 2.81
C LEU D 35 -5.60 29.54 3.31
N VAL D 36 -5.47 28.22 3.47
CA VAL D 36 -4.28 27.64 4.09
C VAL D 36 -3.59 26.74 3.07
N HIS D 37 -2.34 27.07 2.76
CA HIS D 37 -1.52 26.40 1.78
C HIS D 37 -1.01 25.05 2.31
N GLY D 38 -0.30 24.32 1.45
CA GLY D 38 0.28 23.03 1.78
C GLY D 38 1.77 22.91 1.49
N PHE D 39 2.29 21.68 1.52
CA PHE D 39 3.74 21.46 1.47
C PHE D 39 4.34 21.93 0.14
N GLY D 40 5.59 22.36 0.21
CA GLY D 40 6.31 22.92 -0.92
C GLY D 40 5.88 24.31 -1.33
N GLN D 41 4.88 24.87 -0.69
CA GLN D 41 4.40 26.18 -1.11
C GLN D 41 4.20 27.07 0.10
N THR D 42 3.58 28.22 -0.15
CA THR D 42 3.34 29.28 0.82
C THR D 42 1.98 29.89 0.48
N TRP D 43 1.63 30.99 1.15
CA TRP D 43 0.39 31.69 0.84
C TRP D 43 0.25 31.99 -0.64
N TYR D 44 1.37 32.14 -1.35
CA TYR D 44 1.38 32.63 -2.72
C TYR D 44 0.58 31.76 -3.68
N GLU D 45 0.39 30.45 -3.38
CA GLU D 45 -0.41 29.63 -4.29
C GLU D 45 -1.82 30.18 -4.46
N TRP D 46 -2.34 30.90 -3.47
CA TRP D 46 -3.66 31.51 -3.52
C TRP D 46 -3.70 32.84 -4.26
N HIS D 47 -2.57 33.32 -4.82
CA HIS D 47 -2.49 34.72 -5.23
C HIS D 47 -3.40 35.07 -6.40
N GLN D 48 -3.84 34.08 -7.18
CA GLN D 48 -4.81 34.33 -8.24
C GLN D 48 -6.24 34.21 -7.77
N LEU D 49 -6.50 33.46 -6.69
CA LEU D 49 -7.86 33.36 -6.16
C LEU D 49 -8.22 34.57 -5.32
N MET D 50 -7.23 35.06 -4.56
CA MET D 50 -7.46 36.12 -3.57
C MET D 50 -8.07 37.38 -4.16
N PRO D 51 -7.56 37.95 -5.26
CA PRO D 51 -8.24 39.13 -5.84
C PRO D 51 -9.71 38.88 -6.14
N GLU D 52 -10.05 37.70 -6.68
CA GLU D 52 -11.44 37.40 -7.03
C GLU D 52 -12.32 37.30 -5.79
N LEU D 53 -11.85 36.63 -4.74
CA LEU D 53 -12.64 36.51 -3.51
C LEU D 53 -12.77 37.85 -2.81
N ALA D 54 -11.74 38.68 -2.89
CA ALA D 54 -11.73 39.96 -2.20
C ALA D 54 -12.89 40.88 -2.63
N LYS D 55 -13.41 40.70 -3.85
CA LYS D 55 -14.56 41.49 -4.28
C LYS D 55 -15.74 41.37 -3.33
N ARG D 56 -15.79 40.28 -2.58
CA ARG D 56 -16.93 40.00 -1.71
C ARG D 56 -16.59 39.67 -0.26
N PHE D 57 -15.36 39.28 0.02
CA PHE D 57 -14.96 38.80 1.33
C PHE D 57 -13.65 39.42 1.78
N THR D 58 -13.47 39.49 3.09
CA THR D 58 -12.13 39.70 3.62
C THR D 58 -11.38 38.36 3.50
N VAL D 59 -10.23 38.40 2.86
CA VAL D 59 -9.47 37.19 2.56
C VAL D 59 -8.17 37.24 3.35
N ILE D 60 -7.87 36.14 4.06
CA ILE D 60 -6.62 36.06 4.81
C ILE D 60 -5.91 34.76 4.43
N ALA D 61 -4.62 34.85 4.18
CA ALA D 61 -3.82 33.73 3.67
C ALA D 61 -2.56 33.59 4.49
N PRO D 62 -2.59 32.81 5.57
CA PRO D 62 -1.39 32.67 6.38
C PRO D 62 -0.35 31.74 5.79
N ASP D 63 0.90 31.98 6.16
CA ASP D 63 1.96 31.00 6.01
C ASP D 63 1.92 30.04 7.19
N LEU D 64 1.96 28.75 6.89
CA LEU D 64 1.94 27.78 7.97
C LEU D 64 3.13 28.04 8.90
N PRO D 65 2.95 27.77 10.20
CA PRO D 65 4.06 27.88 11.15
C PRO D 65 5.33 27.21 10.64
N GLY D 66 6.44 27.94 10.68
CA GLY D 66 7.73 27.43 10.24
C GLY D 66 7.99 27.54 8.75
N LEU D 67 6.97 27.82 7.95
CA LEU D 67 7.12 27.92 6.50
C LEU D 67 6.88 29.37 6.08
N GLY D 68 7.28 29.68 4.84
CA GLY D 68 7.15 31.06 4.38
C GLY D 68 7.84 31.98 5.38
N GLN D 69 7.13 32.99 5.85
CA GLN D 69 7.73 33.98 6.76
C GLN D 69 7.21 33.84 8.19
N SER D 70 6.61 32.70 8.54
CA SER D 70 6.01 32.47 9.84
C SER D 70 6.96 31.73 10.76
N GLU D 71 6.91 32.03 12.04
CA GLU D 71 7.84 31.39 12.96
C GLU D 71 7.42 29.94 13.17
N PRO D 72 8.36 29.08 13.59
CA PRO D 72 8.00 27.71 13.87
C PRO D 72 7.06 27.70 15.06
N PRO D 73 6.24 26.68 15.22
CA PRO D 73 5.38 26.59 16.39
C PRO D 73 6.19 26.28 17.63
N LYS D 74 5.67 26.76 18.77
CA LYS D 74 6.30 26.50 20.06
C LYS D 74 5.79 25.24 20.72
N THR D 75 4.55 24.84 20.44
CA THR D 75 4.02 23.60 21.00
C THR D 75 4.54 22.40 20.21
N GLY D 76 4.00 22.19 19.02
CA GLY D 76 4.40 21.06 18.22
C GLY D 76 3.83 21.17 16.82
N TYR D 77 4.03 20.11 16.04
CA TYR D 77 3.65 20.15 14.64
C TYR D 77 2.43 19.29 14.31
N SER D 78 1.85 18.58 15.29
CA SER D 78 0.67 17.77 15.02
C SER D 78 -0.50 18.66 14.61
N GLY D 79 -1.50 18.03 14.00
CA GLY D 79 -2.63 18.78 13.49
C GLY D 79 -3.35 19.59 14.55
N GLU D 80 -3.55 18.99 15.73
CA GLU D 80 -4.29 19.67 16.78
C GLU D 80 -3.54 20.89 17.28
N GLN D 81 -2.22 20.78 17.43
CA GLN D 81 -1.45 21.90 17.94
C GLN D 81 -1.43 23.05 16.94
N VAL D 82 -1.21 22.75 15.65
CA VAL D 82 -1.06 23.85 14.69
C VAL D 82 -2.41 24.50 14.43
N ALA D 83 -3.49 23.73 14.50
CA ALA D 83 -4.82 24.30 14.33
C ALA D 83 -5.13 25.34 15.39
N VAL D 84 -4.54 25.24 16.59
CA VAL D 84 -4.75 26.27 17.59
C VAL D 84 -4.26 27.61 17.06
N TYR D 85 -3.05 27.63 16.50
CA TYR D 85 -2.49 28.85 15.92
C TYR D 85 -3.39 29.44 14.85
N LEU D 86 -3.87 28.59 13.91
CA LEU D 86 -4.66 29.08 12.78
C LEU D 86 -6.05 29.54 13.22
N HIS D 87 -6.66 28.84 14.19
CA HIS D 87 -7.96 29.24 14.70
C HIS D 87 -7.90 30.58 15.42
N LYS D 88 -6.95 30.75 16.33
CA LYS D 88 -6.79 32.03 17.01
C LYS D 88 -6.53 33.16 16.03
N LEU D 89 -5.77 32.90 14.95
CA LEU D 89 -5.53 33.95 13.96
C LEU D 89 -6.81 34.35 13.24
N ALA D 90 -7.60 33.39 12.82
CA ALA D 90 -8.79 33.69 12.10
C ALA D 90 -9.71 34.51 12.96
N ARG D 91 -9.72 34.18 14.22
CA ARG D 91 -10.69 34.71 15.12
C ARG D 91 -10.39 36.10 15.58
N GLN D 92 -9.13 36.51 15.44
CA GLN D 92 -8.73 37.86 15.65
C GLN D 92 -9.44 38.75 14.66
N PHE D 93 -9.69 38.23 13.48
CA PHE D 93 -10.27 39.02 12.40
C PHE D 93 -11.77 38.81 12.23
N SER D 94 -12.32 37.77 12.84
CA SER D 94 -13.76 37.52 12.77
C SER D 94 -14.17 37.01 14.15
N PRO D 95 -14.06 37.87 15.18
CA PRO D 95 -14.40 37.41 16.54
C PRO D 95 -15.88 37.14 16.73
N ASP D 96 -16.75 37.77 15.94
CA ASP D 96 -18.19 37.73 16.22
C ASP D 96 -19.01 36.90 15.26
N ARG D 97 -18.49 36.60 14.09
CA ARG D 97 -19.24 35.89 13.06
C ARG D 97 -18.45 34.67 12.61
N PRO D 98 -19.11 33.67 12.05
CA PRO D 98 -18.39 32.55 11.46
C PRO D 98 -17.64 32.98 10.21
N PHE D 99 -16.57 32.23 9.91
CA PHE D 99 -15.72 32.45 8.75
C PHE D 99 -15.68 31.18 7.88
N ASP D 100 -15.21 31.35 6.64
CA ASP D 100 -15.02 30.27 5.67
C ASP D 100 -13.55 29.82 5.66
N LEU D 101 -13.34 28.53 5.33
CA LEU D 101 -12.00 27.95 5.28
C LEU D 101 -11.80 27.16 3.99
N VAL D 102 -10.70 27.45 3.32
CA VAL D 102 -10.26 26.73 2.15
C VAL D 102 -8.84 26.29 2.42
N ALA D 103 -8.56 25.03 2.15
CA ALA D 103 -7.27 24.44 2.49
C ALA D 103 -6.84 23.43 1.45
N HIS D 104 -5.53 23.33 1.26
CA HIS D 104 -4.93 22.49 0.24
C HIS D 104 -3.79 21.71 0.90
N ASP D 105 -3.73 20.41 0.63
CA ASP D 105 -2.57 19.59 1.03
C ASP D 105 -2.50 19.59 2.56
N ILE D 106 -1.31 19.71 3.16
CA ILE D 106 -1.21 19.67 4.62
C ILE D 106 -1.90 20.86 5.27
N GLY D 107 -2.39 21.82 4.49
CA GLY D 107 -3.33 22.78 5.05
C GLY D 107 -4.52 22.09 5.66
N ILE D 108 -4.93 20.98 5.07
CA ILE D 108 -6.01 20.17 5.61
C ILE D 108 -5.61 19.59 6.96
N TRP D 109 -4.41 19.04 7.05
CA TRP D 109 -3.97 18.43 8.30
C TRP D 109 -4.03 19.42 9.46
N ASN D 110 -3.69 20.68 9.20
CA ASN D 110 -3.56 21.65 10.27
C ASN D 110 -4.85 22.43 10.51
N THR D 111 -5.89 22.21 9.73
CA THR D 111 -7.14 22.86 10.02
C THR D 111 -8.26 21.93 10.45
N TYR D 112 -8.19 20.63 10.14
CA TYR D 112 -9.29 19.74 10.50
C TYR D 112 -9.63 19.80 11.99
N PRO D 113 -8.68 19.65 12.93
CA PRO D 113 -9.07 19.72 14.36
C PRO D 113 -9.77 21.03 14.74
N MET D 114 -9.29 22.18 14.26
CA MET D 114 -10.00 23.45 14.45
C MET D 114 -11.44 23.37 13.95
N VAL D 115 -11.63 22.82 12.76
CA VAL D 115 -12.95 22.77 12.15
C VAL D 115 -13.89 21.90 12.97
N VAL D 116 -13.43 20.71 13.37
CA VAL D 116 -14.33 19.75 14.01
C VAL D 116 -14.67 20.18 15.44
N LYS D 117 -13.72 20.78 16.15
CA LYS D 117 -13.92 21.21 17.53
C LYS D 117 -14.64 22.55 17.67
N ASN D 118 -14.75 23.35 16.61
CA ASN D 118 -15.37 24.67 16.69
C ASN D 118 -16.33 24.89 15.51
N GLN D 119 -17.25 23.94 15.33
CA GLN D 119 -18.09 23.92 14.13
C GLN D 119 -18.93 25.18 13.97
N ALA D 120 -19.38 25.78 15.08
CA ALA D 120 -20.18 26.99 14.98
C ALA D 120 -19.41 28.17 14.39
N ASP D 121 -18.07 28.19 14.52
CA ASP D 121 -17.21 29.20 13.91
C ASP D 121 -17.01 29.06 12.39
N ILE D 122 -17.46 27.97 11.76
CA ILE D 122 -17.14 27.69 10.37
C ILE D 122 -18.42 27.76 9.56
N ALA D 123 -18.48 28.69 8.61
CA ALA D 123 -19.66 28.78 7.76
C ALA D 123 -19.59 27.73 6.65
N ARG D 124 -18.52 27.74 5.85
CA ARG D 124 -18.38 26.80 4.75
C ARG D 124 -16.92 26.37 4.66
N LEU D 125 -16.68 25.20 4.07
CA LEU D 125 -15.38 24.56 4.12
C LEU D 125 -15.04 24.02 2.73
N VAL D 126 -13.84 24.33 2.25
CA VAL D 126 -13.33 23.72 1.02
C VAL D 126 -12.00 23.05 1.36
N TYR D 127 -11.90 21.77 1.00
CA TYR D 127 -10.71 20.98 1.19
C TYR D 127 -10.27 20.44 -0.16
N MET D 128 -8.99 20.54 -0.49
CA MET D 128 -8.56 19.99 -1.76
C MET D 128 -7.25 19.25 -1.63
N GLU D 129 -7.17 18.11 -2.33
CA GLU D 129 -5.90 17.49 -2.67
C GLU D 129 -5.00 17.09 -1.51
N ALA D 130 -5.56 16.32 -0.57
CA ALA D 130 -4.84 15.63 0.48
C ALA D 130 -5.80 14.79 1.31
N PRO D 131 -5.33 13.69 1.89
CA PRO D 131 -6.18 12.95 2.84
C PRO D 131 -6.20 13.67 4.18
N ILE D 132 -7.38 13.71 4.78
CA ILE D 132 -7.40 14.00 6.22
C ILE D 132 -6.59 12.88 6.90
N PRO D 133 -5.72 13.19 7.87
CA PRO D 133 -4.95 12.12 8.51
C PRO D 133 -5.84 11.11 9.22
N ASP D 134 -5.85 9.86 8.72
CA ASP D 134 -6.52 8.74 9.37
C ASP D 134 -5.92 7.46 8.81
N ALA D 135 -6.48 6.30 9.18
CA ALA D 135 -5.90 5.01 8.83
C ALA D 135 -5.89 4.75 7.33
N ARG D 136 -6.65 5.52 6.55
CA ARG D 136 -6.63 5.29 5.11
C ARG D 136 -5.29 5.62 4.49
N ILE D 137 -4.46 6.43 5.16
CA ILE D 137 -3.15 6.72 4.59
C ILE D 137 -2.22 5.51 4.65
N TYR D 138 -2.50 4.54 5.53
CA TYR D 138 -1.74 3.31 5.55
C TYR D 138 -2.10 2.37 4.39
N ARG D 139 -3.07 2.73 3.52
CA ARG D 139 -3.51 1.92 2.39
C ARG D 139 -2.96 2.36 1.06
N PHE D 140 -2.26 3.49 1.00
CA PHE D 140 -1.63 3.95 -0.22
C PHE D 140 -0.43 3.07 -0.58
N PRO D 141 -0.21 2.78 -1.86
CA PRO D 141 0.89 1.89 -2.24
C PRO D 141 2.26 2.54 -2.14
N ALA D 142 3.24 1.71 -1.81
CA ALA D 142 4.64 2.12 -1.85
C ALA D 142 5.19 2.29 -3.28
N PHE D 143 4.58 1.65 -4.28
CA PHE D 143 5.16 1.56 -5.62
C PHE D 143 4.03 1.20 -6.59
N THR D 144 4.09 1.72 -7.83
CA THR D 144 3.03 1.37 -8.79
C THR D 144 3.60 0.71 -10.04
N ALA D 145 2.69 0.18 -10.85
CA ALA D 145 3.11 -0.41 -12.12
C ALA D 145 3.62 0.62 -13.11
N GLN D 146 3.41 1.91 -12.88
CA GLN D 146 3.91 2.98 -13.73
C GLN D 146 5.13 3.69 -13.14
N GLY D 147 5.63 3.29 -11.98
CA GLY D 147 6.75 3.96 -11.35
C GLY D 147 6.39 4.47 -9.97
N GLU D 148 7.01 5.60 -9.60
CA GLU D 148 6.90 6.04 -8.22
C GLU D 148 5.45 6.35 -7.86
N SER D 149 5.09 6.03 -6.61
CA SER D 149 3.71 6.16 -6.15
C SER D 149 3.45 7.58 -5.65
N LEU D 150 2.20 7.84 -5.26
CA LEU D 150 1.83 9.22 -4.98
C LEU D 150 2.43 9.70 -3.66
N VAL D 151 2.50 8.84 -2.64
CA VAL D 151 2.85 9.37 -1.33
C VAL D 151 3.96 8.58 -0.64
N TRP D 152 4.85 7.98 -1.41
CA TRP D 152 6.03 7.40 -0.78
C TRP D 152 6.81 8.44 0.02
N HIS D 153 6.65 9.73 -0.30
CA HIS D 153 7.38 10.74 0.47
C HIS D 153 6.98 10.77 1.95
N PHE D 154 5.76 10.31 2.30
CA PHE D 154 5.38 10.22 3.71
C PHE D 154 6.47 9.52 4.52
N SER D 155 6.97 8.40 4.02
CA SER D 155 8.00 7.68 4.78
C SER D 155 9.34 8.41 4.72
N PHE D 156 9.67 8.96 3.54
CA PHE D 156 10.92 9.70 3.39
C PHE D 156 10.94 10.87 4.36
N PHE D 157 9.89 11.69 4.37
CA PHE D 157 9.92 12.89 5.20
C PHE D 157 9.86 12.55 6.70
N ALA D 158 9.26 11.43 7.06
CA ALA D 158 9.04 11.06 8.46
C ALA D 158 10.18 10.23 9.04
N ALA D 159 11.11 9.77 8.21
CA ALA D 159 12.20 8.91 8.67
C ALA D 159 13.07 9.60 9.71
N ASP D 160 13.69 8.79 10.58
CA ASP D 160 14.52 9.29 11.67
C ASP D 160 15.84 9.85 11.15
N ASP D 161 16.67 10.33 12.10
CA ASP D 161 18.01 10.86 11.84
C ASP D 161 17.99 12.02 10.85
N ARG D 162 16.88 12.77 10.78
CA ARG D 162 16.71 13.84 9.80
C ARG D 162 17.22 13.41 8.42
N LEU D 163 16.85 12.19 8.04
CA LEU D 163 17.21 11.65 6.74
C LEU D 163 16.84 12.61 5.61
N ALA D 164 15.65 13.20 5.66
CA ALA D 164 15.20 13.99 4.52
C ALA D 164 15.98 15.28 4.40
N GLU D 165 16.14 15.97 5.52
CA GLU D 165 16.90 17.21 5.55
C GLU D 165 18.30 17.00 5.08
N THR D 166 18.93 15.97 5.58
CA THR D 166 20.35 15.74 5.28
C THR D 166 20.57 15.51 3.78
N LEU D 167 19.70 14.72 3.14
CA LEU D 167 19.87 14.44 1.71
C LEU D 167 19.43 15.60 0.83
N ILE D 168 18.59 16.51 1.32
CA ILE D 168 18.03 17.51 0.42
C ILE D 168 18.77 18.84 0.57
N ALA D 169 19.37 19.07 1.75
CA ALA D 169 20.12 20.30 1.98
C ALA D 169 21.20 20.47 0.92
N GLY D 170 21.19 21.64 0.28
CA GLY D 170 22.06 21.94 -0.84
C GLY D 170 21.40 21.73 -2.19
N LYS D 171 20.44 20.80 -2.26
CA LYS D 171 19.79 20.42 -3.50
C LYS D 171 18.29 20.70 -3.47
N GLU D 172 17.91 21.76 -2.79
CA GLU D 172 16.52 22.05 -2.57
C GLU D 172 15.72 22.28 -3.83
N ARG D 173 16.28 22.96 -4.79
CA ARG D 173 15.52 23.25 -5.96
C ARG D 173 15.45 22.04 -6.85
N PHE D 174 16.45 21.18 -6.75
CA PHE D 174 16.47 19.98 -7.51
C PHE D 174 15.33 19.10 -7.05
N PHE D 175 15.21 18.94 -5.76
CA PHE D 175 14.17 18.09 -5.22
C PHE D 175 12.78 18.68 -5.46
N LEU D 176 12.59 19.95 -5.08
CA LEU D 176 11.25 20.56 -5.20
C LEU D 176 10.72 20.49 -6.63
N GLU D 177 11.59 20.67 -7.62
CA GLU D 177 11.11 20.66 -9.00
C GLU D 177 10.67 19.26 -9.39
N HIS D 178 11.41 18.25 -8.95
CA HIS D 178 11.00 16.87 -9.21
C HIS D 178 9.71 16.54 -8.47
N PHE D 179 9.63 16.89 -7.19
CA PHE D 179 8.42 16.65 -6.42
C PHE D 179 7.21 17.34 -7.04
N ILE D 180 7.36 18.60 -7.48
CA ILE D 180 6.23 19.31 -8.07
C ILE D 180 5.81 18.65 -9.37
N LYS D 181 6.79 18.31 -10.23
CA LYS D 181 6.45 17.74 -11.53
C LYS D 181 5.97 16.30 -11.43
N SER D 182 6.51 15.51 -10.48
CA SER D 182 5.95 14.18 -10.20
C SER D 182 4.47 14.23 -9.88
N HIS D 183 4.00 15.31 -9.25
CA HIS D 183 2.63 15.42 -8.80
C HIS D 183 1.79 16.32 -9.70
N ALA D 184 2.32 16.69 -10.85
CA ALA D 184 1.62 17.55 -11.79
C ALA D 184 1.19 16.82 -13.05
N SER D 185 0.06 17.27 -13.60
CA SER D 185 -0.31 16.94 -14.97
C SER D 185 0.14 18.07 -15.89
N ASN D 186 -0.18 19.30 -15.52
CA ASN D 186 0.26 20.49 -16.26
C ASN D 186 1.59 20.96 -15.67
N THR D 187 2.68 20.65 -16.36
CA THR D 187 3.99 21.14 -15.93
C THR D 187 4.31 22.55 -16.44
N GLU D 188 3.58 23.01 -17.45
CA GLU D 188 3.86 24.29 -18.09
C GLU D 188 3.81 25.50 -17.14
N VAL D 189 2.81 25.55 -16.28
CA VAL D 189 2.60 26.72 -15.44
C VAL D 189 3.71 26.94 -14.43
N PHE D 190 4.59 25.97 -14.23
CA PHE D 190 5.68 26.11 -13.26
C PHE D 190 6.91 26.63 -14.00
N SER D 191 6.90 27.95 -14.21
CA SER D 191 8.01 28.64 -14.84
C SER D 191 9.26 28.55 -13.99
N GLU D 192 10.39 28.88 -14.61
CA GLU D 192 11.63 29.02 -13.87
C GLU D 192 11.48 29.99 -12.70
N ARG D 193 10.76 31.10 -12.90
CA ARG D 193 10.63 32.08 -11.83
C ARG D 193 9.83 31.53 -10.66
N LEU D 194 8.68 30.89 -10.94
CA LEU D 194 7.85 30.36 -9.85
C LEU D 194 8.62 29.30 -9.08
N LEU D 195 9.23 28.34 -9.78
CA LEU D 195 10.04 27.31 -9.14
C LEU D 195 11.14 27.92 -8.29
N ASP D 196 11.78 28.98 -8.77
CA ASP D 196 12.84 29.58 -7.98
C ASP D 196 12.27 30.18 -6.70
N LEU D 197 11.19 30.96 -6.81
CA LEU D 197 10.57 31.59 -5.64
C LEU D 197 10.18 30.56 -4.58
N TYR D 198 9.59 29.43 -4.99
CA TYR D 198 9.21 28.41 -4.00
C TYR D 198 10.44 27.73 -3.43
N ALA D 199 11.47 27.52 -4.24
CA ALA D 199 12.67 26.86 -3.75
C ALA D 199 13.42 27.73 -2.75
N ARG D 200 13.45 29.03 -2.97
CA ARG D 200 14.11 29.91 -2.03
C ARG D 200 13.45 29.88 -0.68
N SER D 201 12.15 29.99 -0.65
CA SER D 201 11.44 30.00 0.63
C SER D 201 11.73 28.73 1.41
N TYR D 202 11.48 27.58 0.82
CA TYR D 202 11.51 26.41 1.67
C TYR D 202 12.93 25.92 1.91
N ALA D 203 13.92 26.49 1.23
CA ALA D 203 15.32 26.13 1.46
C ALA D 203 15.95 26.78 2.69
N LYS D 204 15.28 27.79 3.27
CA LYS D 204 15.67 28.33 4.57
C LYS D 204 15.82 27.18 5.58
N PRO D 205 16.98 27.06 6.24
CA PRO D 205 17.22 25.86 7.06
C PRO D 205 16.08 25.52 8.01
N HIS D 206 15.50 26.49 8.71
CA HIS D 206 14.37 26.18 9.58
C HIS D 206 13.12 25.81 8.80
N SER D 207 12.97 26.30 7.56
CA SER D 207 11.78 25.95 6.79
C SER D 207 11.87 24.56 6.19
N LEU D 208 13.05 24.17 5.71
CA LEU D 208 13.25 22.80 5.28
C LEU D 208 12.93 21.83 6.41
N ASN D 209 13.45 22.10 7.61
CA ASN D 209 13.16 21.24 8.76
C ASN D 209 11.67 21.25 9.12
N ALA D 210 11.05 22.40 9.17
CA ALA D 210 9.64 22.48 9.50
C ALA D 210 8.75 21.67 8.59
N SER D 211 9.00 21.76 7.30
CA SER D 211 8.30 21.00 6.29
C SER D 211 8.15 19.53 6.68
N PHE D 212 9.23 18.94 7.12
CA PHE D 212 9.26 17.53 7.44
C PHE D 212 8.74 17.21 8.82
N GLU D 213 8.66 18.19 9.70
CA GLU D 213 8.09 17.96 11.01
C GLU D 213 6.59 17.72 10.89
N TYR D 214 5.95 18.38 9.96
CA TYR D 214 4.53 18.10 9.73
C TYR D 214 4.32 16.63 9.42
N TYR D 215 5.31 16.00 8.79
CA TYR D 215 5.24 14.58 8.46
C TYR D 215 5.62 13.71 9.64
N ARG D 216 6.61 14.13 10.41
CA ARG D 216 7.02 13.41 11.61
C ARG D 216 5.94 13.40 12.67
N ALA D 217 4.98 14.30 12.56
CA ALA D 217 3.83 14.35 13.43
C ALA D 217 2.58 13.71 12.82
N LEU D 218 2.68 13.22 11.58
CA LEU D 218 1.50 12.71 10.89
C LEU D 218 0.82 11.58 11.68
N ASN D 219 1.60 10.62 12.19
CA ASN D 219 1.00 9.51 12.96
C ASN D 219 0.33 10.02 14.23
N GLU D 220 0.90 11.03 14.87
CA GLU D 220 0.24 11.67 16.01
C GLU D 220 -1.07 12.33 15.59
N SER D 221 -1.08 12.99 14.42
CA SER D 221 -2.33 13.56 13.92
C SER D 221 -3.38 12.48 13.69
N VAL D 222 -2.98 11.35 13.11
CA VAL D 222 -3.91 10.25 12.86
C VAL D 222 -4.55 9.80 14.15
N ARG D 223 -3.74 9.60 15.21
CA ARG D 223 -4.27 9.25 16.52
C ARG D 223 -5.23 10.32 17.03
N GLN D 224 -4.86 11.60 16.92
CA GLN D 224 -5.75 12.67 17.36
C GLN D 224 -7.07 12.61 16.60
N ASN D 225 -7.02 12.39 15.29
CA ASN D 225 -8.24 12.44 14.50
C ASN D 225 -9.10 11.20 14.69
N ALA D 226 -8.51 10.10 15.16
CA ALA D 226 -9.34 8.96 15.53
C ALA D 226 -10.34 9.33 16.62
N GLU D 227 -9.98 10.25 17.52
CA GLU D 227 -10.93 10.65 18.55
C GLU D 227 -11.88 11.74 18.06
N LEU D 228 -11.33 12.76 17.37
CA LEU D 228 -12.12 13.89 16.90
C LEU D 228 -13.17 13.48 15.86
N ALA D 229 -12.87 12.47 15.02
CA ALA D 229 -13.79 12.09 13.95
C ALA D 229 -15.04 11.33 14.44
N LYS D 230 -15.27 11.21 15.76
CA LYS D 230 -16.54 10.67 16.25
C LYS D 230 -17.69 11.68 16.13
N THR D 231 -17.38 12.92 15.76
CA THR D 231 -18.35 13.97 15.48
C THR D 231 -18.22 14.36 14.01
N ARG D 232 -19.22 14.03 13.20
CA ARG D 232 -19.19 14.42 11.79
C ARG D 232 -19.19 15.94 11.62
N LEU D 233 -18.62 16.38 10.50
CA LEU D 233 -18.64 17.79 10.13
C LEU D 233 -20.04 18.23 9.72
N GLN D 234 -20.51 19.35 10.27
CA GLN D 234 -21.86 19.82 10.03
C GLN D 234 -21.99 20.96 9.04
N MET D 235 -20.88 21.61 8.67
CA MET D 235 -20.93 22.73 7.74
C MET D 235 -20.92 22.21 6.30
N PRO D 236 -21.62 22.89 5.39
CA PRO D 236 -21.50 22.51 3.96
C PRO D 236 -20.03 22.50 3.56
N THR D 237 -19.64 21.45 2.87
CA THR D 237 -18.27 21.14 2.56
C THR D 237 -18.15 20.85 1.09
N MET D 238 -17.02 21.22 0.49
CA MET D 238 -16.74 20.84 -0.88
C MET D 238 -15.33 20.30 -0.95
N THR D 239 -15.15 19.16 -1.62
CA THR D 239 -13.83 18.61 -1.87
C THR D 239 -13.51 18.76 -3.35
N LEU D 240 -12.26 19.10 -3.64
CA LEU D 240 -11.74 19.17 -5.00
C LEU D 240 -10.53 18.24 -5.07
N ALA D 241 -10.48 17.44 -6.12
CA ALA D 241 -9.30 16.62 -6.38
C ALA D 241 -8.95 16.71 -7.85
N GLY D 242 -7.65 16.58 -8.16
CA GLY D 242 -7.23 16.50 -9.54
C GLY D 242 -7.46 15.08 -10.08
N GLY D 243 -7.94 15.02 -11.32
CA GLY D 243 -8.18 13.74 -11.95
C GLY D 243 -7.06 13.21 -12.82
N GLY D 244 -6.01 14.00 -13.05
CA GLY D 244 -4.91 13.58 -13.91
C GLY D 244 -3.77 13.02 -13.09
N HIS D 245 -2.66 12.79 -13.77
CA HIS D 245 -1.47 12.32 -13.09
C HIS D 245 -1.16 13.22 -11.89
N GLY D 246 -0.86 12.60 -10.75
CA GLY D 246 -0.44 13.33 -9.57
C GLY D 246 -1.57 13.77 -8.65
N GLY D 247 -2.82 13.68 -9.09
CA GLY D 247 -3.94 14.03 -8.26
C GLY D 247 -4.45 12.85 -7.41
N MET D 248 -5.40 13.17 -6.52
CA MET D 248 -6.03 12.22 -5.62
C MET D 248 -7.27 11.55 -6.20
N GLY D 249 -7.79 12.04 -7.32
CA GLY D 249 -8.94 11.39 -7.94
C GLY D 249 -10.12 11.26 -6.99
N THR D 250 -10.81 10.13 -7.11
CA THR D 250 -12.03 9.85 -6.35
C THR D 250 -11.78 9.70 -4.85
N PHE D 251 -10.52 9.60 -4.41
CA PHE D 251 -10.24 9.36 -3.01
C PHE D 251 -10.69 10.52 -2.14
N GLN D 252 -10.59 11.74 -2.64
CA GLN D 252 -10.91 12.91 -1.81
C GLN D 252 -12.36 12.88 -1.35
N LEU D 253 -13.29 12.71 -2.30
CA LEU D 253 -14.70 12.62 -1.93
C LEU D 253 -15.00 11.35 -1.14
N GLU D 254 -14.46 10.19 -1.57
CA GLU D 254 -14.82 8.95 -0.89
C GLU D 254 -14.45 9.01 0.58
N GLN D 255 -13.26 9.54 0.89
CA GLN D 255 -12.89 9.74 2.28
C GLN D 255 -13.86 10.68 2.98
N MET D 256 -14.21 11.81 2.34
CA MET D 256 -15.06 12.80 3.00
C MET D 256 -16.46 12.26 3.28
N LYS D 257 -16.91 11.21 2.59
CA LYS D 257 -18.18 10.61 2.94
C LYS D 257 -18.16 9.99 4.34
N ALA D 258 -16.98 9.79 4.93
CA ALA D 258 -16.85 9.35 6.31
C ALA D 258 -16.81 10.50 7.30
N TYR D 259 -16.82 11.76 6.85
CA TYR D 259 -16.67 12.93 7.73
C TYR D 259 -17.81 13.93 7.65
N ALA D 260 -18.29 14.27 6.46
CA ALA D 260 -19.15 15.43 6.30
C ALA D 260 -20.61 15.01 6.12
N GLU D 261 -21.50 15.68 6.86
CA GLU D 261 -22.94 15.52 6.65
C GLU D 261 -23.37 16.03 5.28
N ASP D 262 -22.69 17.07 4.77
CA ASP D 262 -23.13 17.85 3.61
C ASP D 262 -21.93 18.15 2.74
N VAL D 263 -21.68 17.28 1.76
CA VAL D 263 -20.48 17.35 0.97
C VAL D 263 -20.79 17.40 -0.50
N GLU D 264 -20.02 18.24 -1.19
CA GLU D 264 -20.11 18.29 -2.61
C GLU D 264 -18.70 17.96 -3.08
N GLY D 265 -18.59 17.16 -4.12
CA GLY D 265 -17.30 16.80 -4.63
C GLY D 265 -17.11 16.92 -6.12
N HIS D 266 -15.91 17.25 -6.51
CA HIS D 266 -15.54 17.44 -7.89
C HIS D 266 -14.17 16.93 -8.19
N VAL D 267 -14.01 16.28 -9.32
CA VAL D 267 -12.70 15.81 -9.77
C VAL D 267 -12.40 16.53 -11.09
N LEU D 268 -11.29 17.27 -11.12
CA LEU D 268 -11.00 18.15 -12.25
C LEU D 268 -10.14 17.39 -13.26
N PRO D 269 -10.63 17.12 -14.47
CA PRO D 269 -9.90 16.23 -15.40
C PRO D 269 -8.62 16.85 -15.92
N GLY D 270 -7.59 16.00 -16.09
CA GLY D 270 -6.30 16.45 -16.55
C GLY D 270 -5.57 17.43 -15.64
N CYS D 271 -5.95 17.54 -14.36
CA CYS D 271 -5.22 18.37 -13.41
C CYS D 271 -4.61 17.49 -12.33
N GLY D 272 -3.43 17.87 -11.85
CA GLY D 272 -2.70 17.09 -10.85
C GLY D 272 -2.96 17.60 -9.45
N HIS D 273 -1.95 17.50 -8.59
CA HIS D 273 -2.04 17.92 -7.20
C HIS D 273 -2.14 19.44 -7.02
N TRP D 274 -1.53 20.22 -7.91
CA TRP D 274 -1.33 21.66 -7.69
C TRP D 274 -2.46 22.48 -8.28
N LEU D 275 -3.68 22.20 -7.82
CA LEU D 275 -4.88 22.75 -8.45
C LEU D 275 -4.88 24.26 -8.68
N PRO D 276 -4.52 25.10 -7.70
CA PRO D 276 -4.57 26.55 -7.96
C PRO D 276 -3.72 26.99 -9.15
N GLU D 277 -2.60 26.32 -9.43
CA GLU D 277 -1.71 26.71 -10.52
C GLU D 277 -1.97 25.96 -11.81
N GLU D 278 -2.12 24.63 -11.74
CA GLU D 278 -2.39 23.81 -12.92
C GLU D 278 -3.74 24.13 -13.54
N CYS D 279 -4.77 24.35 -12.72
CA CYS D 279 -6.14 24.55 -13.22
C CYS D 279 -6.81 25.73 -12.51
N ALA D 280 -6.12 26.88 -12.53
CA ALA D 280 -6.59 28.08 -11.85
C ALA D 280 -8.02 28.44 -12.21
N ALA D 281 -8.31 28.59 -13.51
CA ALA D 281 -9.63 29.12 -13.87
C ALA D 281 -10.77 28.24 -13.35
N PRO D 282 -10.82 26.93 -13.64
CA PRO D 282 -11.97 26.16 -13.16
C PRO D 282 -11.97 25.95 -11.64
N MET D 283 -10.80 25.84 -10.99
CA MET D 283 -10.79 25.78 -9.53
C MET D 283 -11.31 27.08 -8.91
N ASN D 284 -10.85 28.23 -9.42
CA ASN D 284 -11.33 29.52 -8.92
C ASN D 284 -12.84 29.66 -9.09
N ARG D 285 -13.36 29.30 -10.27
CA ARG D 285 -14.80 29.30 -10.51
C ARG D 285 -15.53 28.42 -9.49
N LEU D 286 -15.00 27.22 -9.23
CA LEU D 286 -15.69 26.34 -8.29
C LEU D 286 -15.68 26.95 -6.89
N VAL D 287 -14.51 27.42 -6.44
CA VAL D 287 -14.43 27.92 -5.07
C VAL D 287 -15.28 29.18 -4.90
N ILE D 288 -15.23 30.09 -5.88
CA ILE D 288 -16.01 31.33 -5.82
C ILE D 288 -17.51 31.00 -5.78
N ASP D 289 -17.97 30.14 -6.68
CA ASP D 289 -19.38 29.78 -6.71
C ASP D 289 -19.82 29.07 -5.43
N PHE D 290 -18.96 28.21 -4.86
CA PHE D 290 -19.37 27.48 -3.64
C PHE D 290 -19.52 28.44 -2.47
N LEU D 291 -18.56 29.34 -2.27
CA LEU D 291 -18.64 30.34 -1.21
C LEU D 291 -19.66 31.46 -1.47
N SER D 292 -20.23 31.59 -2.67
CA SER D 292 -21.14 32.70 -2.95
C SER D 292 -22.60 32.29 -3.13
N ARG D 293 -22.86 31.03 -3.39
CA ARG D 293 -24.20 30.54 -3.61
C ARG D 293 -25.07 30.80 -2.41
N GLY D 294 -26.22 31.40 -2.62
CA GLY D 294 -27.18 31.61 -1.57
C GLY D 294 -26.87 32.76 -0.63
N ARG D 295 -25.83 33.50 -0.93
CA ARG D 295 -25.48 34.64 -0.15
C ARG D 295 -25.82 35.89 -0.93
#